data_4L9I
#
_entry.id   4L9I
#
_cell.length_a   66.788
_cell.length_b   122.089
_cell.length_c   152.892
_cell.angle_alpha   90.00
_cell.angle_beta   90.00
_cell.angle_gamma   90.00
#
_symmetry.space_group_name_H-M   'P 21 21 21'
#
loop_
_entity.id
_entity.type
_entity.pdbx_description
1 polymer 'Rhodopsin kinase'
2 non-polymer Paroxetine
3 non-polymer '2-(N-MORPHOLINO)-ETHANESULFONIC ACID'
4 non-polymer 'CHLORIDE ION'
5 water water
#
_entity_poly.entity_id   1
_entity_poly.type   'polypeptide(L)'
_entity_poly.pdbx_seq_one_letter_code
;SRDRKYLARLKLPPLSKCEALRESLDLGFEGMCLEQPIGKRLFQQFLRTHEQHGPALQLWKDIEDYDTADDALRPQKAQA
LRAAYLEPQAQLFCSFLDAETVARARAGAGDGLFQPLLRAVLAHLGQAPFQEFLDSLYFLRFLQWKWLEAQPMGEDWFLD
FRVLGRGGFGEVFACQMKATGKLYACKKLNKKRLKKRKGYQGAMVEKKILAKVHSRFIVSLAYAFETKTDLCLVMTIMNG
GDIRYHIYNVDEDNPGFQEPRAIFYTAQIVSGLEHLHQRNIIYRDLKPENVLLDDDGNVRISDLGLAVELKAGQTKTKGY
AGTPGFMAPELLLGEEYDFSVDYFALGVTLYEMIAARGPFRARGEKVENKELKQRVLEQAVTYPDKFSPASKDFCEALLQ
KDPEKRLGFRDGSCDGLRTHPLFRDISWRQLEAGMLTPPFVPDSRTVYAKNIQDVGAFSTVKGVAFEKADTEFFQEFASG
TCPIPWQEEMIETGVFGDLNVWRP
;
_entity_poly.pdbx_strand_id   A,B
#
# COMPACT_ATOMS: atom_id res chain seq x y z
N SER A 1 -14.87 23.24 2.66
CA SER A 1 -16.02 22.72 1.86
C SER A 1 -15.51 21.94 0.65
N ARG A 2 -16.43 21.40 -0.15
CA ARG A 2 -16.10 20.63 -1.36
C ARG A 2 -17.31 20.59 -2.30
N ASP A 3 -17.18 19.89 -3.43
CA ASP A 3 -18.30 19.50 -4.32
C ASP A 3 -18.01 18.08 -4.79
N ARG A 4 -18.95 17.17 -4.51
CA ARG A 4 -18.70 15.74 -4.61
C ARG A 4 -18.57 15.23 -6.05
N LYS A 5 -19.24 15.86 -7.01
CA LYS A 5 -19.10 15.48 -8.42
C LYS A 5 -17.67 15.64 -8.94
N TYR A 6 -17.05 16.78 -8.63
CA TYR A 6 -15.66 17.00 -9.05
C TYR A 6 -14.74 16.13 -8.20
N LEU A 7 -15.02 16.03 -6.90
CA LEU A 7 -14.27 15.12 -6.05
C LEU A 7 -14.28 13.70 -6.60
N ALA A 8 -15.43 13.25 -7.08
CA ALA A 8 -15.57 11.90 -7.63
C ALA A 8 -14.72 11.67 -8.88
N ARG A 9 -14.30 12.73 -9.55
CA ARG A 9 -13.39 12.60 -10.70
C ARG A 9 -11.94 12.37 -10.32
N LEU A 10 -11.59 12.66 -9.06
CA LEU A 10 -10.27 12.35 -8.54
C LEU A 10 -10.14 10.86 -8.12
N LYS A 11 -9.85 9.97 -9.06
CA LYS A 11 -9.66 8.54 -8.79
C LYS A 11 -8.37 8.03 -9.36
N LEU A 12 -7.76 7.10 -8.67
CA LEU A 12 -6.50 6.54 -9.13
C LEU A 12 -6.76 5.55 -10.25
N PRO A 13 -5.96 5.63 -11.31
CA PRO A 13 -6.17 4.79 -12.50
C PRO A 13 -5.74 3.33 -12.31
N PRO A 14 -6.17 2.43 -13.20
CA PRO A 14 -5.53 1.13 -13.28
C PRO A 14 -4.07 1.27 -13.69
N LEU A 15 -3.25 0.30 -13.32
CA LEU A 15 -1.80 0.39 -13.55
C LEU A 15 -1.44 0.45 -15.04
N SER A 16 -2.20 -0.23 -15.87
CA SER A 16 -1.90 -0.31 -17.30
C SER A 16 -1.96 1.08 -17.95
N LYS A 17 -2.83 1.95 -17.44
CA LYS A 17 -2.89 3.33 -17.88
C LYS A 17 -1.65 4.18 -17.58
N CYS A 18 -0.76 3.69 -16.73
CA CYS A 18 0.41 4.46 -16.30
C CYS A 18 1.69 4.07 -17.02
N GLU A 19 1.59 3.17 -17.99
CA GLU A 19 2.76 2.65 -18.70
C GLU A 19 3.46 3.74 -19.51
N ALA A 20 2.69 4.56 -20.22
CA ALA A 20 3.28 5.60 -21.09
C ALA A 20 4.05 6.58 -20.22
N LEU A 21 3.36 7.02 -19.18
CA LEU A 21 3.88 7.91 -18.17
C LEU A 21 5.18 7.42 -17.53
N ARG A 22 5.27 6.13 -17.28
CA ARG A 22 6.50 5.56 -16.71
C ARG A 22 7.73 5.66 -17.63
N GLU A 23 7.51 5.55 -18.93
CA GLU A 23 8.59 5.61 -19.89
C GLU A 23 9.04 7.03 -20.13
N SER A 24 8.14 8.00 -20.01
CA SER A 24 8.50 9.37 -20.33
C SER A 24 8.87 10.17 -19.08
N LEU A 25 8.79 9.56 -17.91
CA LEU A 25 9.03 10.29 -16.68
C LEU A 25 10.51 10.48 -16.39
N ASP A 26 10.89 11.68 -15.97
CA ASP A 26 12.20 11.89 -15.38
C ASP A 26 12.33 11.18 -14.03
N LEU A 27 13.29 10.25 -13.93
CA LEU A 27 13.48 9.45 -12.72
C LEU A 27 14.49 10.03 -11.73
N GLY A 28 14.82 11.31 -11.84
CA GLY A 28 15.83 11.92 -10.93
C GLY A 28 15.36 11.88 -9.48
N PHE A 29 16.27 11.45 -8.60
CA PHE A 29 15.99 11.41 -7.18
C PHE A 29 15.54 12.74 -6.62
N GLU A 30 16.30 13.78 -6.88
CA GLU A 30 16.02 15.10 -6.35
C GLU A 30 14.64 15.55 -6.82
N GLY A 31 14.40 15.48 -8.13
CA GLY A 31 13.13 15.92 -8.70
C GLY A 31 11.91 15.13 -8.24
N MET A 32 12.09 13.85 -7.91
CA MET A 32 10.97 12.97 -7.55
C MET A 32 10.71 12.87 -6.03
N CYS A 33 11.73 12.58 -5.25
CA CYS A 33 11.53 12.25 -3.85
C CYS A 33 11.81 13.37 -2.88
N LEU A 34 12.39 14.46 -3.37
CA LEU A 34 12.67 15.62 -2.51
C LEU A 34 11.81 16.82 -2.87
N GLU A 35 11.65 17.10 -4.16
CA GLU A 35 10.98 18.32 -4.58
C GLU A 35 9.48 18.14 -4.80
N GLN A 36 9.05 16.93 -5.11
CA GLN A 36 7.65 16.66 -5.38
C GLN A 36 7.03 16.04 -4.12
N PRO A 37 6.08 16.77 -3.49
CA PRO A 37 5.56 16.38 -2.16
C PRO A 37 4.91 15.00 -2.08
N ILE A 38 4.18 14.60 -3.10
CA ILE A 38 3.67 13.23 -3.16
C ILE A 38 4.81 12.22 -3.34
N GLY A 39 5.82 12.52 -4.15
CA GLY A 39 6.98 11.66 -4.28
C GLY A 39 7.69 11.47 -2.95
N LYS A 40 7.90 12.59 -2.26
CA LYS A 40 8.58 12.58 -0.98
C LYS A 40 7.81 11.78 0.05
N ARG A 41 6.51 12.02 0.10
CA ARG A 41 5.63 11.30 0.99
C ARG A 41 5.67 9.79 0.71
N LEU A 42 5.48 9.39 -0.53
CA LEU A 42 5.50 7.97 -0.86
C LEU A 42 6.88 7.36 -0.61
N PHE A 43 7.94 8.12 -0.89
CA PHE A 43 9.30 7.64 -0.59
C PHE A 43 9.49 7.43 0.91
N GLN A 44 9.00 8.36 1.72
CA GLN A 44 9.08 8.23 3.17
C GLN A 44 8.26 7.07 3.75
N GLN A 45 7.05 6.89 3.24
CA GLN A 45 6.26 5.72 3.61
C GLN A 45 7.02 4.44 3.26
N PHE A 46 7.60 4.38 2.06
CA PHE A 46 8.43 3.25 1.72
C PHE A 46 9.56 3.04 2.76
N LEU A 47 10.24 4.11 3.16
CA LEU A 47 11.34 4.00 4.14
C LEU A 47 10.80 3.52 5.48
N ARG A 48 9.59 3.96 5.82
CA ARG A 48 8.96 3.64 7.11
C ARG A 48 8.61 2.17 7.23
N THR A 49 8.28 1.53 6.11
CA THR A 49 7.88 0.14 6.16
C THR A 49 9.08 -0.79 5.99
N HIS A 50 10.27 -0.27 5.72
CA HIS A 50 11.47 -1.13 5.62
C HIS A 50 12.43 -0.78 6.73
N GLU A 51 12.50 -1.66 7.72
CA GLU A 51 13.18 -1.43 8.99
C GLU A 51 14.61 -0.94 8.83
N GLN A 52 15.35 -1.50 7.89
CA GLN A 52 16.75 -1.12 7.73
C GLN A 52 16.85 0.38 7.44
N HIS A 53 15.80 0.99 6.90
CA HIS A 53 15.87 2.41 6.56
C HIS A 53 15.32 3.33 7.63
N GLY A 54 14.92 2.82 8.80
CA GLY A 54 14.34 3.63 9.84
C GLY A 54 15.29 4.72 10.36
N PRO A 55 16.53 4.35 10.75
CA PRO A 55 17.47 5.38 11.20
C PRO A 55 17.59 6.55 10.20
N ALA A 56 17.83 6.26 8.93
CA ALA A 56 17.93 7.31 7.92
C ALA A 56 16.69 8.21 7.89
N LEU A 57 15.52 7.59 7.81
CA LEU A 57 14.25 8.34 7.73
C LEU A 57 14.07 9.23 8.94
N GLN A 58 14.27 8.67 10.12
CA GLN A 58 13.97 9.40 11.32
C GLN A 58 14.95 10.55 11.51
N LEU A 59 16.21 10.34 11.13
CA LEU A 59 17.22 11.38 11.15
C LEU A 59 16.84 12.51 10.20
N TRP A 60 16.43 12.15 9.00
CA TRP A 60 15.95 13.12 8.03
C TRP A 60 14.84 13.96 8.63
N LYS A 61 13.84 13.31 9.21
CA LYS A 61 12.73 14.05 9.80
C LYS A 61 13.18 14.95 10.94
N ASP A 62 14.10 14.46 11.75
CA ASP A 62 14.53 15.23 12.94
C ASP A 62 15.44 16.40 12.60
N ILE A 63 16.20 16.30 11.50
CA ILE A 63 16.90 17.46 10.98
C ILE A 63 15.95 18.57 10.47
N GLU A 64 14.91 18.20 9.74
CA GLU A 64 13.93 19.17 9.25
C GLU A 64 13.22 19.83 10.41
N ASP A 65 12.94 19.05 11.46
CA ASP A 65 12.33 19.58 12.69
C ASP A 65 13.27 20.59 13.36
N TYR A 66 14.54 20.22 13.50
CA TYR A 66 15.52 21.15 14.06
C TYR A 66 15.65 22.45 13.25
N ASP A 67 15.64 22.31 11.91
CA ASP A 67 15.78 23.44 10.98
C ASP A 67 14.72 24.47 11.16
N THR A 68 13.50 24.05 11.48
CA THR A 68 12.37 24.95 11.61
C THR A 68 11.88 25.10 13.04
N ALA A 69 12.78 24.94 14.01
CA ALA A 69 12.40 25.03 15.42
C ALA A 69 12.78 26.38 16.02
N ASP A 70 11.97 26.81 17.00
CA ASP A 70 12.26 28.03 17.75
C ASP A 70 13.65 27.94 18.30
N ASP A 71 14.32 29.08 18.38
CA ASP A 71 15.64 29.14 18.98
C ASP A 71 15.74 28.49 20.36
N ALA A 72 14.70 28.62 21.19
CA ALA A 72 14.74 28.10 22.57
C ALA A 72 14.80 26.57 22.62
N LEU A 73 14.12 25.92 21.68
CA LEU A 73 14.08 24.46 21.65
C LEU A 73 15.29 23.78 20.99
N ARG A 74 16.15 24.55 20.31
CA ARG A 74 17.19 23.95 19.42
C ARG A 74 18.30 23.15 20.10
N PRO A 75 18.94 23.74 21.12
CA PRO A 75 20.01 23.05 21.85
C PRO A 75 19.57 21.66 22.31
N GLN A 76 18.37 21.57 22.86
CA GLN A 76 17.81 20.31 23.34
C GLN A 76 17.52 19.34 22.21
N LYS A 77 16.96 19.86 21.12
CA LYS A 77 16.73 19.05 19.94
C LYS A 77 18.01 18.48 19.34
N ALA A 78 19.06 19.29 19.34
CA ALA A 78 20.36 18.85 18.86
C ALA A 78 20.95 17.76 19.77
N GLN A 79 20.77 17.92 21.07
CA GLN A 79 21.20 16.88 22.01
C GLN A 79 20.45 15.57 21.76
N ALA A 80 19.14 15.65 21.52
CA ALA A 80 18.32 14.45 21.37
C ALA A 80 18.63 13.73 20.06
N LEU A 81 18.81 14.53 19.00
CA LEU A 81 19.20 14.00 17.70
C LEU A 81 20.54 13.24 17.75
N ARG A 82 21.53 13.86 18.38
CA ARG A 82 22.83 13.24 18.58
C ARG A 82 22.76 11.91 19.34
N ALA A 83 22.03 11.91 20.44
CA ALA A 83 21.87 10.73 21.26
C ALA A 83 21.10 9.65 20.50
N ALA A 84 20.10 10.03 19.71
CA ALA A 84 19.28 9.04 18.99
C ALA A 84 19.96 8.43 17.77
N TYR A 85 20.71 9.24 17.02
CA TYR A 85 21.22 8.78 15.69
C TYR A 85 22.72 8.67 15.54
N LEU A 86 23.48 9.29 16.45
CA LEU A 86 24.92 9.41 16.29
C LEU A 86 25.70 8.83 17.46
N GLU A 87 25.03 8.09 18.34
CA GLU A 87 25.73 7.31 19.34
C GLU A 87 25.75 5.85 18.87
N PRO A 88 26.93 5.26 18.71
CA PRO A 88 27.06 3.88 18.14
C PRO A 88 26.20 2.77 18.78
N GLN A 89 25.86 2.91 20.06
CA GLN A 89 24.98 1.95 20.75
C GLN A 89 23.51 2.31 20.62
N ALA A 90 23.18 3.46 20.03
CA ALA A 90 21.78 3.87 19.99
C ALA A 90 20.96 2.95 19.10
N GLN A 91 19.70 2.78 19.47
CA GLN A 91 18.75 1.99 18.69
C GLN A 91 18.77 2.37 17.23
N LEU A 92 18.67 3.67 16.96
CA LEU A 92 18.60 4.17 15.60
C LEU A 92 19.91 4.78 15.13
N PHE A 93 21.04 4.24 15.58
CA PHE A 93 22.37 4.67 15.09
C PHE A 93 22.40 4.60 13.54
N CYS A 94 22.86 5.68 12.92
CA CYS A 94 22.94 5.74 11.46
C CYS A 94 24.32 5.25 11.00
N SER A 95 24.45 3.93 10.90
CA SER A 95 25.75 3.31 10.63
C SER A 95 26.16 3.42 9.16
N PHE A 96 25.22 3.79 8.29
CA PHE A 96 25.54 4.10 6.89
C PHE A 96 26.37 5.37 6.72
N LEU A 97 26.35 6.31 7.68
CA LEU A 97 27.09 7.53 7.54
C LEU A 97 28.58 7.29 7.71
N ASP A 98 29.41 8.03 6.98
CA ASP A 98 30.85 8.08 7.29
C ASP A 98 31.08 8.55 8.73
N ALA A 99 32.01 7.87 9.39
CA ALA A 99 32.40 8.21 10.76
C ALA A 99 32.83 9.68 10.90
N GLU A 100 33.51 10.20 9.88
CA GLU A 100 33.91 11.60 9.87
C GLU A 100 32.66 12.50 9.97
N THR A 101 31.62 12.13 9.24
CA THR A 101 30.41 12.92 9.19
C THR A 101 29.74 12.90 10.56
N VAL A 102 29.71 11.74 11.16
CA VAL A 102 29.14 11.58 12.48
C VAL A 102 29.91 12.42 13.51
N ALA A 103 31.23 12.38 13.44
CA ALA A 103 32.03 13.12 14.43
C ALA A 103 31.86 14.64 14.26
N ARG A 104 31.65 15.12 13.05
CA ARG A 104 31.48 16.58 12.88
C ARG A 104 30.11 17.05 13.37
N ALA A 105 29.07 16.27 13.11
CA ALA A 105 27.71 16.62 13.56
C ALA A 105 27.56 16.49 15.08
N ARG A 106 28.45 15.75 15.72
CA ARG A 106 28.44 15.65 17.19
C ARG A 106 28.98 16.91 17.86
N ALA A 107 29.67 17.75 17.09
CA ALA A 107 30.31 18.96 17.62
C ALA A 107 29.66 20.24 17.13
N GLY A 108 29.76 21.27 17.97
CA GLY A 108 29.43 22.65 17.60
C GLY A 108 27.98 23.06 17.84
N ALA A 109 27.77 24.35 17.70
CA ALA A 109 26.46 24.97 17.87
C ALA A 109 26.25 26.12 16.86
N GLY A 110 26.96 26.08 15.74
CA GLY A 110 26.96 27.19 14.79
C GLY A 110 25.74 27.14 13.91
N ASP A 111 25.54 28.18 13.12
CA ASP A 111 24.36 28.24 12.26
C ASP A 111 24.37 27.14 11.20
N GLY A 112 25.54 26.59 10.87
CA GLY A 112 25.64 25.55 9.83
C GLY A 112 25.31 24.13 10.28
N LEU A 113 24.93 23.96 11.55
CA LEU A 113 24.88 22.65 12.19
C LEU A 113 23.90 21.72 11.50
N PHE A 114 24.33 20.50 11.21
CA PHE A 114 23.47 19.46 10.54
C PHE A 114 23.20 19.65 9.02
N GLN A 115 23.58 20.76 8.41
CA GLN A 115 23.47 20.90 6.95
C GLN A 115 24.38 19.88 6.28
N PRO A 116 25.66 19.81 6.69
CA PRO A 116 26.46 18.76 6.06
C PRO A 116 25.86 17.37 6.30
N LEU A 117 25.38 17.13 7.50
CA LEU A 117 24.75 15.84 7.83
C LEU A 117 23.54 15.57 6.96
N LEU A 118 22.74 16.59 6.72
CA LEU A 118 21.57 16.42 5.90
C LEU A 118 21.99 16.05 4.48
N ARG A 119 22.99 16.76 3.94
CA ARG A 119 23.53 16.42 2.62
C ARG A 119 23.98 14.96 2.55
N ALA A 120 24.61 14.45 3.61
CA ALA A 120 25.06 13.03 3.63
C ALA A 120 23.90 12.02 3.73
N VAL A 121 22.88 12.38 4.49
CA VAL A 121 21.66 11.55 4.62
C VAL A 121 20.94 11.45 3.27
N LEU A 122 20.75 12.58 2.61
CA LEU A 122 20.08 12.60 1.32
C LEU A 122 20.93 11.97 0.20
N ALA A 123 22.26 12.12 0.24
CA ALA A 123 23.14 11.46 -0.73
C ALA A 123 23.08 9.93 -0.58
N HIS A 124 23.04 9.44 0.66
CA HIS A 124 22.79 8.04 0.93
C HIS A 124 21.42 7.59 0.43
N LEU A 125 20.36 8.32 0.79
CA LEU A 125 18.99 7.91 0.39
C LEU A 125 18.83 7.87 -1.12
N GLY A 126 19.59 8.71 -1.82
CA GLY A 126 19.54 8.76 -3.26
C GLY A 126 20.16 7.57 -3.97
N GLN A 127 20.86 6.71 -3.23
CA GLN A 127 21.49 5.57 -3.86
C GLN A 127 20.59 4.33 -3.70
N ALA A 128 21.00 3.36 -2.91
CA ALA A 128 20.35 2.04 -2.93
C ALA A 128 18.91 2.13 -2.46
N PRO A 129 18.63 2.91 -1.42
CA PRO A 129 17.26 3.01 -0.95
C PRO A 129 16.28 3.53 -2.01
N PHE A 130 16.68 4.57 -2.74
CA PHE A 130 15.92 5.07 -3.87
C PHE A 130 15.73 3.98 -4.91
N GLN A 131 16.81 3.25 -5.21
CA GLN A 131 16.71 2.15 -6.17
C GLN A 131 15.69 1.08 -5.75
N GLU A 132 15.58 0.80 -4.43
CA GLU A 132 14.58 -0.13 -3.92
C GLU A 132 13.20 0.49 -4.06
N PHE A 133 13.10 1.80 -3.82
CA PHE A 133 11.82 2.50 -3.99
C PHE A 133 11.29 2.30 -5.41
N LEU A 134 12.18 2.48 -6.39
CA LEU A 134 11.79 2.38 -7.78
C LEU A 134 11.27 0.98 -8.13
N ASP A 135 11.72 0.00 -7.35
CA ASP A 135 11.34 -1.39 -7.57
C ASP A 135 10.23 -1.88 -6.59
N SER A 136 9.42 -0.93 -6.11
CA SER A 136 8.44 -1.18 -5.04
C SER A 136 7.09 -0.68 -5.48
N LEU A 137 6.06 -1.05 -4.73
CA LEU A 137 4.70 -0.64 -5.05
C LEU A 137 4.47 0.84 -4.81
N TYR A 138 5.31 1.44 -3.95
CA TYR A 138 5.21 2.86 -3.67
C TYR A 138 5.57 3.73 -4.89
N PHE A 139 6.47 3.22 -5.72
CA PHE A 139 6.80 3.96 -6.93
C PHE A 139 5.66 3.88 -7.91
N LEU A 140 5.03 2.72 -8.01
CA LEU A 140 3.87 2.53 -8.91
C LEU A 140 2.72 3.42 -8.46
N ARG A 141 2.52 3.55 -7.16
CA ARG A 141 1.49 4.46 -6.65
C ARG A 141 1.78 5.91 -7.02
N PHE A 142 3.05 6.28 -6.99
CA PHE A 142 3.47 7.60 -7.47
C PHE A 142 3.03 7.80 -8.92
N LEU A 143 3.21 6.79 -9.76
CA LEU A 143 2.80 6.91 -11.16
C LEU A 143 1.30 7.14 -11.28
N GLN A 144 0.52 6.47 -10.45
CA GLN A 144 -0.93 6.64 -10.45
C GLN A 144 -1.30 8.08 -10.13
N TRP A 145 -0.61 8.67 -9.17
CA TRP A 145 -0.85 10.06 -8.81
C TRP A 145 -0.36 11.05 -9.86
N LYS A 146 0.71 10.72 -10.55
CA LYS A 146 1.16 11.52 -11.65
C LYS A 146 0.14 11.45 -12.80
N TRP A 147 -0.46 10.28 -13.00
CA TRP A 147 -1.46 10.17 -14.03
C TRP A 147 -2.63 11.06 -13.71
N LEU A 148 -3.13 10.96 -12.47
CA LEU A 148 -4.23 11.80 -12.04
C LEU A 148 -3.90 13.29 -12.19
N GLU A 149 -2.67 13.64 -11.81
CA GLU A 149 -2.17 15.02 -11.89
C GLU A 149 -2.25 15.58 -13.31
N ALA A 150 -2.07 14.71 -14.30
CA ALA A 150 -2.02 15.12 -15.69
C ALA A 150 -3.39 15.20 -16.35
N GLN A 151 -4.46 14.86 -15.65
CA GLN A 151 -5.81 14.91 -16.25
C GLN A 151 -6.38 16.32 -16.39
N PRO A 152 -7.34 16.49 -17.33
CA PRO A 152 -7.91 17.79 -17.62
C PRO A 152 -8.54 18.46 -16.40
N MET A 153 -7.97 19.59 -15.99
CA MET A 153 -8.54 20.37 -14.89
C MET A 153 -8.48 21.85 -15.25
N GLY A 154 -9.38 22.24 -16.16
CA GLY A 154 -9.59 23.64 -16.54
C GLY A 154 -10.70 24.37 -15.80
N GLU A 155 -11.30 25.35 -16.48
CA GLU A 155 -12.21 26.32 -15.88
C GLU A 155 -13.39 25.76 -15.06
N ASP A 156 -13.98 24.66 -15.53
CA ASP A 156 -15.10 24.01 -14.84
C ASP A 156 -14.77 23.59 -13.42
N TRP A 157 -13.48 23.39 -13.15
CA TRP A 157 -13.02 22.97 -11.83
C TRP A 157 -12.95 24.08 -10.79
N PHE A 158 -13.20 25.32 -11.20
CA PHE A 158 -13.05 26.44 -10.28
C PHE A 158 -14.32 27.29 -10.20
N LEU A 159 -14.61 27.73 -8.97
CA LEU A 159 -15.77 28.56 -8.65
C LEU A 159 -15.28 29.90 -8.10
N ASP A 160 -15.43 30.95 -8.90
CA ASP A 160 -15.11 32.30 -8.44
C ASP A 160 -16.16 32.77 -7.45
N PHE A 161 -15.77 33.68 -6.56
CA PHE A 161 -16.73 34.24 -5.64
C PHE A 161 -16.44 35.68 -5.21
N ARG A 162 -15.43 36.34 -5.80
CA ARG A 162 -15.06 37.71 -5.42
C ARG A 162 -13.84 38.24 -6.21
N VAL A 163 -13.84 39.55 -6.50
CA VAL A 163 -12.73 40.21 -7.21
C VAL A 163 -11.70 40.76 -6.23
N LEU A 164 -10.42 40.53 -6.49
CA LEU A 164 -9.34 40.89 -5.56
C LEU A 164 -8.53 42.09 -6.02
N GLY A 165 -8.32 42.18 -7.33
CA GLY A 165 -7.70 43.33 -7.96
C GLY A 165 -8.01 43.32 -9.44
N ARG A 166 -7.73 44.43 -10.12
CA ARG A 166 -7.88 44.49 -11.58
C ARG A 166 -7.05 45.61 -12.18
N GLY A 167 -6.69 45.43 -13.44
CA GLY A 167 -6.07 46.48 -14.19
C GLY A 167 -6.61 46.52 -15.59
N GLY A 168 -5.80 47.10 -16.47
CA GLY A 168 -6.18 47.31 -17.84
C GLY A 168 -6.46 46.05 -18.63
N PHE A 169 -5.80 44.95 -18.26
CA PHE A 169 -5.84 43.76 -19.09
C PHE A 169 -6.69 42.65 -18.51
N GLY A 170 -7.20 42.84 -17.30
CA GLY A 170 -8.17 41.93 -16.73
C GLY A 170 -8.34 42.00 -15.21
N GLU A 171 -8.88 40.91 -14.66
CA GLU A 171 -9.22 40.83 -13.24
C GLU A 171 -8.59 39.63 -12.55
N VAL A 172 -8.42 39.76 -11.24
CA VAL A 172 -8.00 38.67 -10.42
C VAL A 172 -9.15 38.32 -9.50
N PHE A 173 -9.56 37.05 -9.52
CA PHE A 173 -10.65 36.55 -8.68
C PHE A 173 -10.15 35.59 -7.61
N ALA A 174 -10.66 35.75 -6.41
CA ALA A 174 -10.68 34.67 -5.45
C ALA A 174 -11.63 33.60 -5.98
N CYS A 175 -11.13 32.36 -6.07
CA CYS A 175 -11.87 31.22 -6.56
C CYS A 175 -11.59 29.99 -5.70
N GLN A 176 -12.38 28.94 -5.95
CA GLN A 176 -12.29 27.71 -5.20
C GLN A 176 -12.15 26.51 -6.11
N MET A 177 -11.14 25.70 -5.87
CA MET A 177 -10.99 24.43 -6.59
C MET A 177 -12.12 23.54 -6.05
N LYS A 178 -13.06 23.21 -6.91
CA LYS A 178 -14.30 22.57 -6.49
C LYS A 178 -14.12 21.21 -5.84
N ALA A 179 -13.18 20.41 -6.32
CA ALA A 179 -12.98 19.06 -5.79
C ALA A 179 -12.47 19.08 -4.37
N THR A 180 -11.48 19.94 -4.12
CA THR A 180 -10.74 19.92 -2.86
C THR A 180 -11.14 20.99 -1.88
N GLY A 181 -11.71 22.08 -2.38
CA GLY A 181 -12.06 23.21 -1.54
C GLY A 181 -10.98 24.27 -1.41
N LYS A 182 -9.81 24.03 -1.97
CA LYS A 182 -8.71 24.95 -1.78
C LYS A 182 -8.96 26.33 -2.41
N LEU A 183 -8.66 27.37 -1.63
CA LEU A 183 -8.84 28.74 -2.08
C LEU A 183 -7.63 29.18 -2.89
N TYR A 184 -7.88 29.77 -4.05
CA TYR A 184 -6.81 30.23 -4.96
C TYR A 184 -7.19 31.61 -5.48
N ALA A 185 -6.25 32.31 -6.08
CA ALA A 185 -6.58 33.49 -6.86
C ALA A 185 -6.48 33.13 -8.34
N CYS A 186 -7.39 33.66 -9.16
CA CYS A 186 -7.31 33.44 -10.60
C CYS A 186 -7.24 34.75 -11.39
N LYS A 187 -6.07 34.98 -12.00
CA LYS A 187 -5.84 36.07 -12.92
C LYS A 187 -6.44 35.72 -14.26
N LYS A 188 -7.39 36.53 -14.72
CA LYS A 188 -8.03 36.33 -16.03
C LYS A 188 -7.64 37.47 -16.93
N LEU A 189 -6.81 37.16 -17.92
CA LEU A 189 -6.36 38.16 -18.87
C LEU A 189 -7.19 38.03 -20.15
N ASN A 190 -7.84 39.13 -20.54
CA ASN A 190 -8.74 39.12 -21.68
C ASN A 190 -7.98 39.01 -23.01
N LYS A 191 -8.38 38.04 -23.83
CA LYS A 191 -7.73 37.68 -25.08
C LYS A 191 -7.75 38.82 -26.09
N LYS A 192 -8.92 39.38 -26.32
CA LYS A 192 -9.05 40.48 -27.28
C LYS A 192 -8.20 41.66 -26.86
N ARG A 193 -8.35 42.08 -25.61
CA ARG A 193 -7.55 43.17 -25.07
C ARG A 193 -6.08 42.89 -25.22
N LEU A 194 -5.67 41.63 -25.06
CA LEU A 194 -4.25 41.29 -25.18
C LEU A 194 -3.80 41.33 -26.63
N LYS A 195 -4.58 40.77 -27.56
CA LYS A 195 -4.24 40.87 -28.98
C LYS A 195 -4.11 42.31 -29.44
N LYS A 196 -5.07 43.15 -29.04
CA LYS A 196 -5.04 44.53 -29.48
C LYS A 196 -3.76 45.24 -29.06
N ARG A 197 -3.34 45.04 -27.82
CA ARG A 197 -2.19 45.75 -27.26
C ARG A 197 -0.90 44.92 -27.29
N LYS A 198 -0.88 43.87 -28.11
CA LYS A 198 0.32 43.04 -28.26
C LYS A 198 0.89 42.66 -26.88
N GLY A 199 0.12 41.86 -26.14
CA GLY A 199 0.48 41.50 -24.77
C GLY A 199 0.81 40.03 -24.61
N TYR A 200 0.88 39.31 -25.72
CA TYR A 200 1.05 37.85 -25.67
C TYR A 200 2.38 37.45 -25.00
N GLN A 201 3.50 38.05 -25.44
CA GLN A 201 4.82 37.73 -24.88
C GLN A 201 4.83 37.85 -23.36
N GLY A 202 4.34 38.97 -22.84
CA GLY A 202 4.26 39.20 -21.40
C GLY A 202 3.47 38.13 -20.67
N ALA A 203 2.30 37.76 -21.20
CA ALA A 203 1.50 36.75 -20.55
C ALA A 203 2.26 35.42 -20.49
N MET A 204 2.87 35.05 -21.61
CA MET A 204 3.64 33.82 -21.68
C MET A 204 4.87 33.79 -20.74
N VAL A 205 5.68 34.85 -20.75
CA VAL A 205 6.84 34.94 -19.88
C VAL A 205 6.43 34.72 -18.41
N GLU A 206 5.44 35.45 -17.93
CA GLU A 206 4.96 35.30 -16.55
C GLU A 206 4.57 33.88 -16.21
N LYS A 207 3.85 33.25 -17.12
CA LYS A 207 3.33 31.89 -16.92
C LYS A 207 4.49 30.93 -16.78
N LYS A 208 5.41 30.97 -17.73
CA LYS A 208 6.59 30.13 -17.65
C LYS A 208 7.40 30.34 -16.38
N ILE A 209 7.60 31.60 -15.99
CA ILE A 209 8.45 31.86 -14.85
C ILE A 209 7.79 31.41 -13.54
N LEU A 210 6.49 31.69 -13.38
CA LEU A 210 5.75 31.25 -12.18
C LEU A 210 5.60 29.73 -12.08
N ALA A 211 5.55 29.04 -13.21
CA ALA A 211 5.46 27.56 -13.25
C ALA A 211 6.69 26.86 -12.71
N LYS A 212 7.86 27.43 -12.97
CA LYS A 212 9.11 26.79 -12.70
C LYS A 212 9.79 27.28 -11.41
N VAL A 213 9.29 28.35 -10.81
CA VAL A 213 9.81 28.85 -9.53
C VAL A 213 8.90 28.40 -8.39
N HIS A 214 9.47 28.07 -7.25
CA HIS A 214 8.72 27.55 -6.10
C HIS A 214 9.31 28.17 -4.86
N SER A 215 8.69 29.24 -4.37
CA SER A 215 9.27 30.01 -3.28
C SER A 215 8.17 30.58 -2.41
N ARG A 216 8.42 30.68 -1.12
CA ARG A 216 7.41 31.24 -0.27
C ARG A 216 7.30 32.76 -0.44
N PHE A 217 8.24 33.38 -1.17
CA PHE A 217 8.26 34.83 -1.34
C PHE A 217 7.88 35.28 -2.76
N ILE A 218 7.35 34.35 -3.55
CA ILE A 218 6.89 34.60 -4.93
C ILE A 218 5.57 33.88 -5.12
N VAL A 219 4.59 34.55 -5.73
CA VAL A 219 3.31 33.89 -5.96
C VAL A 219 3.52 32.65 -6.82
N SER A 220 2.83 31.52 -6.49
CA SER A 220 3.01 30.26 -7.24
C SER A 220 1.90 30.04 -8.22
N LEU A 221 2.22 29.38 -9.33
CA LEU A 221 1.23 29.00 -10.32
C LEU A 221 0.87 27.54 -10.06
N ALA A 222 -0.43 27.29 -9.85
CA ALA A 222 -0.98 25.96 -9.66
C ALA A 222 -1.64 25.40 -10.94
N TYR A 223 -2.30 26.26 -11.72
CA TYR A 223 -2.90 25.85 -13.01
C TYR A 223 -2.89 26.96 -14.07
N ALA A 224 -2.82 26.57 -15.33
CA ALA A 224 -2.92 27.51 -16.45
C ALA A 224 -3.80 26.91 -17.54
N PHE A 225 -4.80 27.67 -17.97
CA PHE A 225 -5.76 27.19 -18.93
C PHE A 225 -6.44 28.38 -19.60
N GLU A 226 -7.18 28.09 -20.64
CA GLU A 226 -7.90 29.10 -21.38
C GLU A 226 -9.40 28.87 -21.31
N THR A 227 -10.14 29.94 -21.55
CA THR A 227 -11.58 29.87 -21.78
C THR A 227 -11.86 30.58 -23.12
N LYS A 228 -13.14 30.62 -23.51
CA LYS A 228 -13.54 31.34 -24.71
C LYS A 228 -12.97 32.74 -24.76
N THR A 229 -12.95 33.42 -23.60
CA THR A 229 -12.61 34.85 -23.57
C THR A 229 -11.25 35.15 -22.96
N ASP A 230 -10.79 34.31 -22.03
CA ASP A 230 -9.60 34.62 -21.23
C ASP A 230 -8.49 33.58 -21.28
N LEU A 231 -7.31 34.01 -20.86
CA LEU A 231 -6.21 33.14 -20.46
C LEU A 231 -6.14 33.24 -18.93
N CYS A 232 -6.16 32.08 -18.26
CA CYS A 232 -6.36 32.02 -16.82
C CYS A 232 -5.10 31.50 -16.10
N LEU A 233 -4.64 32.24 -15.10
CA LEU A 233 -3.59 31.79 -14.20
C LEU A 233 -4.11 31.63 -12.77
N VAL A 234 -4.16 30.38 -12.29
CA VAL A 234 -4.64 30.07 -10.93
C VAL A 234 -3.44 30.04 -10.00
N MET A 235 -3.41 30.92 -9.02
CA MET A 235 -2.21 31.08 -8.22
C MET A 235 -2.50 31.32 -6.74
N THR A 236 -1.41 31.42 -5.97
CA THR A 236 -1.48 31.63 -4.54
C THR A 236 -2.47 32.73 -4.23
N ILE A 237 -3.41 32.46 -3.33
CA ILE A 237 -4.37 33.52 -2.95
C ILE A 237 -3.70 34.52 -2.03
N MET A 238 -3.70 35.78 -2.47
CA MET A 238 -3.15 36.91 -1.72
C MET A 238 -4.28 37.92 -1.45
N ASN A 239 -4.84 37.86 -0.24
CA ASN A 239 -6.04 38.65 0.14
C ASN A 239 -5.78 40.01 0.69
N GLY A 240 -4.52 40.30 0.99
CA GLY A 240 -4.19 41.40 1.87
C GLY A 240 -3.91 42.73 1.19
N GLY A 241 -4.16 42.81 -0.11
CA GLY A 241 -3.92 44.04 -0.89
C GLY A 241 -2.47 44.18 -1.32
N ASP A 242 -2.16 45.16 -2.15
CA ASP A 242 -0.74 45.39 -2.47
C ASP A 242 -0.10 46.41 -1.52
N ILE A 243 1.22 46.51 -1.56
CA ILE A 243 1.95 47.44 -0.70
C ILE A 243 1.63 48.92 -1.02
N ARG A 244 1.41 49.24 -2.28
CA ARG A 244 1.04 50.62 -2.61
C ARG A 244 -0.19 51.03 -1.82
N TYR A 245 -1.16 50.14 -1.78
CA TYR A 245 -2.39 50.40 -1.08
C TYR A 245 -2.16 50.63 0.41
N HIS A 246 -1.27 49.84 1.00
CA HIS A 246 -0.99 49.95 2.44
C HIS A 246 -0.12 51.17 2.81
N ILE A 247 0.60 51.72 1.84
CA ILE A 247 1.36 52.96 2.01
C ILE A 247 0.44 54.17 2.02
N TYR A 248 -0.46 54.25 1.03
CA TYR A 248 -1.20 55.46 0.75
C TYR A 248 -2.65 55.48 1.25
N ASN A 249 -3.36 54.35 1.17
CA ASN A 249 -4.83 54.36 1.32
C ASN A 249 -5.39 53.90 2.67
N VAL A 250 -4.61 53.16 3.45
CA VAL A 250 -5.14 52.54 4.68
C VAL A 250 -5.33 53.55 5.81
N ASP A 251 -4.25 54.09 6.35
CA ASP A 251 -4.34 55.17 7.35
C ASP A 251 -3.82 56.43 6.67
N GLU A 252 -4.72 57.11 5.97
CA GLU A 252 -4.36 58.19 5.02
C GLU A 252 -3.61 59.37 5.64
N ASP A 253 -3.94 59.73 6.87
CA ASP A 253 -3.24 60.81 7.56
C ASP A 253 -1.84 60.43 8.04
N ASN A 254 -1.55 59.13 8.15
CA ASN A 254 -0.19 58.63 8.42
C ASN A 254 0.35 57.77 7.28
N PRO A 255 0.64 58.39 6.12
CA PRO A 255 1.10 57.62 4.97
C PRO A 255 2.50 57.04 5.20
N GLY A 256 2.75 55.83 4.70
CA GLY A 256 4.04 55.16 4.88
C GLY A 256 4.11 54.31 6.13
N PHE A 257 5.18 53.53 6.27
CA PHE A 257 5.29 52.57 7.35
C PHE A 257 6.29 52.97 8.39
N GLN A 258 6.07 52.53 9.62
CA GLN A 258 7.12 52.52 10.63
C GLN A 258 8.27 51.62 10.15
N GLU A 259 9.47 51.94 10.59
CA GLU A 259 10.68 51.32 10.05
C GLU A 259 10.75 49.79 10.24
N PRO A 260 10.44 49.27 11.44
CA PRO A 260 10.44 47.81 11.59
C PRO A 260 9.59 47.08 10.55
N ARG A 261 8.40 47.62 10.25
CA ARG A 261 7.52 47.02 9.25
C ARG A 261 8.14 47.08 7.85
N ALA A 262 8.64 48.25 7.45
CA ALA A 262 9.30 48.37 6.14
C ALA A 262 10.52 47.47 6.03
N ILE A 263 11.26 47.29 7.14
CA ILE A 263 12.42 46.41 7.13
C ILE A 263 12.00 44.95 6.86
N PHE A 264 10.87 44.55 7.43
CA PHE A 264 10.38 43.17 7.34
C PHE A 264 10.02 42.84 5.91
N TYR A 265 9.23 43.71 5.29
CA TYR A 265 8.90 43.58 3.88
C TYR A 265 10.14 43.52 3.02
N THR A 266 11.04 44.48 3.22
CA THR A 266 12.33 44.51 2.51
C THR A 266 13.07 43.16 2.58
N ALA A 267 13.11 42.57 3.78
CA ALA A 267 13.74 41.26 3.96
C ALA A 267 13.04 40.15 3.19
N GLN A 268 11.71 40.17 3.17
CA GLN A 268 10.91 39.19 2.45
C GLN A 268 11.09 39.37 0.94
N ILE A 269 11.11 40.62 0.49
CA ILE A 269 11.35 40.92 -0.93
C ILE A 269 12.75 40.49 -1.33
N VAL A 270 13.72 40.75 -0.49
CA VAL A 270 15.08 40.36 -0.77
C VAL A 270 15.14 38.86 -0.94
N SER A 271 14.46 38.13 -0.07
CA SER A 271 14.51 36.68 -0.17
C SER A 271 13.89 36.18 -1.49
N GLY A 272 12.87 36.85 -1.99
CA GLY A 272 12.27 36.45 -3.25
C GLY A 272 13.14 36.81 -4.44
N LEU A 273 13.80 37.97 -4.36
CA LEU A 273 14.73 38.37 -5.39
C LEU A 273 15.84 37.36 -5.50
N GLU A 274 16.41 37.01 -4.35
CA GLU A 274 17.50 36.06 -4.32
C GLU A 274 17.09 34.74 -4.99
N HIS A 275 15.88 34.28 -4.70
CA HIS A 275 15.41 33.03 -5.27
C HIS A 275 15.44 33.13 -6.77
N LEU A 276 15.04 34.27 -7.33
CA LEU A 276 15.08 34.43 -8.79
C LEU A 276 16.49 34.52 -9.33
N HIS A 277 17.31 35.34 -8.68
CA HIS A 277 18.67 35.61 -9.14
C HIS A 277 19.54 34.37 -9.11
N GLN A 278 19.33 33.50 -8.13
CA GLN A 278 20.03 32.22 -8.08
C GLN A 278 19.60 31.34 -9.24
N ARG A 279 18.42 31.57 -9.78
CA ARG A 279 17.97 30.84 -10.96
C ARG A 279 18.14 31.68 -12.25
N ASN A 280 18.92 32.74 -12.17
CA ASN A 280 19.30 33.54 -13.33
C ASN A 280 18.16 34.23 -14.04
N ILE A 281 17.24 34.71 -13.23
CA ILE A 281 16.08 35.43 -13.69
C ILE A 281 16.15 36.84 -13.12
N ILE A 282 16.00 37.82 -13.99
CA ILE A 282 15.94 39.21 -13.65
C ILE A 282 14.45 39.62 -13.68
N TYR A 283 13.98 40.20 -12.58
CA TYR A 283 12.55 40.45 -12.38
C TYR A 283 12.06 41.64 -13.21
N ARG A 284 12.76 42.77 -13.04
CA ARG A 284 12.55 44.02 -13.77
C ARG A 284 11.23 44.73 -13.46
N ASP A 285 10.52 44.36 -12.41
CA ASP A 285 9.24 45.05 -12.16
C ASP A 285 8.93 45.16 -10.70
N LEU A 286 9.97 45.24 -9.88
CA LEU A 286 9.77 45.36 -8.45
C LEU A 286 9.29 46.76 -8.19
N LYS A 287 8.13 46.87 -7.57
CA LYS A 287 7.60 48.13 -7.07
C LYS A 287 6.48 47.81 -6.10
N PRO A 288 6.13 48.77 -5.23
CA PRO A 288 5.13 48.49 -4.20
C PRO A 288 3.85 47.90 -4.75
N GLU A 289 3.48 48.24 -5.99
CA GLU A 289 2.19 47.79 -6.47
C GLU A 289 2.21 46.34 -6.92
N ASN A 290 3.39 45.73 -7.00
CA ASN A 290 3.48 44.30 -7.35
C ASN A 290 3.93 43.41 -6.19
N VAL A 291 4.04 44.00 -4.99
CA VAL A 291 4.26 43.25 -3.79
C VAL A 291 2.93 43.14 -3.04
N LEU A 292 2.53 41.90 -2.76
CA LEU A 292 1.21 41.59 -2.25
C LEU A 292 1.27 40.98 -0.88
N LEU A 293 0.29 41.30 -0.03
CA LEU A 293 0.15 40.68 1.30
C LEU A 293 -0.82 39.51 1.28
N ASP A 294 -0.52 38.47 2.05
CA ASP A 294 -1.51 37.41 2.31
C ASP A 294 -2.21 37.68 3.65
N ASP A 295 -3.02 36.73 4.10
CA ASP A 295 -3.88 36.90 5.27
C ASP A 295 -3.13 36.98 6.56
N ASP A 296 -1.95 36.37 6.60
CA ASP A 296 -1.13 36.37 7.77
C ASP A 296 -0.29 37.64 7.84
N GLY A 297 -0.17 38.35 6.71
CA GLY A 297 0.64 39.56 6.62
C GLY A 297 2.00 39.37 5.97
N ASN A 298 2.29 38.17 5.50
CA ASN A 298 3.55 37.92 4.79
C ASN A 298 3.42 38.36 3.34
N VAL A 299 4.50 38.82 2.72
CA VAL A 299 4.39 39.32 1.35
C VAL A 299 5.09 38.45 0.33
N ARG A 300 4.61 38.56 -0.93
CA ARG A 300 5.22 37.90 -2.09
C ARG A 300 5.31 38.87 -3.28
N ILE A 301 6.35 38.75 -4.07
CA ILE A 301 6.41 39.50 -5.32
C ILE A 301 5.55 38.79 -6.35
N SER A 302 5.08 39.57 -7.32
CA SER A 302 4.14 39.15 -8.35
C SER A 302 4.39 39.96 -9.63
N ASP A 303 3.61 39.65 -10.67
CA ASP A 303 3.78 40.23 -12.02
C ASP A 303 5.19 40.05 -12.63
N LEU A 304 5.43 38.85 -13.15
CA LEU A 304 6.69 38.47 -13.73
C LEU A 304 6.64 38.60 -15.25
N GLY A 305 5.73 39.44 -15.74
CA GLY A 305 5.52 39.63 -17.18
C GLY A 305 6.67 40.30 -17.93
N LEU A 306 7.55 41.00 -17.22
CA LEU A 306 8.76 41.63 -17.80
C LEU A 306 10.08 40.93 -17.48
N ALA A 307 10.02 39.80 -16.80
CA ALA A 307 11.24 39.11 -16.38
C ALA A 307 12.04 38.54 -17.53
N VAL A 308 13.34 38.42 -17.29
CA VAL A 308 14.22 37.83 -18.28
C VAL A 308 14.89 36.64 -17.64
N GLU A 309 14.89 35.51 -18.32
CA GLU A 309 15.65 34.36 -17.86
C GLU A 309 16.94 34.27 -18.67
N LEU A 310 18.09 34.43 -18.02
CA LEU A 310 19.39 34.32 -18.74
C LEU A 310 19.71 32.87 -19.17
N LYS A 311 20.19 32.66 -20.39
CA LYS A 311 20.68 31.32 -20.77
C LYS A 311 22.09 31.11 -20.27
N ALA A 312 22.55 29.86 -20.28
CA ALA A 312 23.91 29.53 -19.89
C ALA A 312 24.87 30.29 -20.79
N GLY A 313 25.87 30.93 -20.18
CA GLY A 313 26.84 31.76 -20.90
C GLY A 313 26.46 33.23 -20.93
N GLN A 314 25.23 33.56 -20.56
CA GLN A 314 24.72 34.94 -20.63
C GLN A 314 24.64 35.49 -19.21
N THR A 315 25.32 36.59 -18.95
CA THR A 315 25.32 37.20 -17.62
C THR A 315 24.51 38.49 -17.62
N LYS A 316 24.23 39.02 -18.81
CA LYS A 316 23.46 40.27 -18.88
C LYS A 316 22.44 40.28 -20.00
N THR A 317 21.41 41.07 -19.80
CA THR A 317 20.40 41.34 -20.80
C THR A 317 20.48 42.85 -21.05
N LYS A 318 19.50 43.39 -21.77
CA LYS A 318 19.45 44.79 -22.10
C LYS A 318 18.01 45.19 -22.43
N GLY A 319 17.70 46.47 -22.26
CA GLY A 319 16.46 46.99 -22.77
C GLY A 319 15.64 47.78 -21.80
N TYR A 320 14.86 48.69 -22.38
CA TYR A 320 13.96 49.57 -21.67
C TYR A 320 12.71 48.77 -21.25
N ALA A 321 12.54 48.59 -19.95
CA ALA A 321 11.38 47.90 -19.44
C ALA A 321 11.26 48.22 -17.97
N GLY A 322 10.03 48.38 -17.52
CA GLY A 322 9.75 48.64 -16.11
C GLY A 322 8.94 49.89 -15.97
N THR A 323 8.98 50.49 -14.79
CA THR A 323 8.15 51.65 -14.47
C THR A 323 9.02 52.92 -14.30
N PRO A 324 8.63 54.05 -14.92
CA PRO A 324 9.39 55.29 -14.70
C PRO A 324 9.70 55.54 -13.21
N GLY A 325 10.99 55.64 -12.90
CA GLY A 325 11.44 55.99 -11.55
C GLY A 325 11.77 54.79 -10.68
N PHE A 326 11.58 53.58 -11.20
CA PHE A 326 12.13 52.37 -10.60
C PHE A 326 13.23 51.83 -11.49
N MET A 327 13.39 52.37 -12.69
CA MET A 327 14.40 51.89 -13.62
C MET A 327 15.78 52.47 -13.30
N ALA A 328 16.75 51.59 -13.18
CA ALA A 328 18.12 51.99 -12.83
C ALA A 328 18.84 52.76 -13.94
N PRO A 329 19.85 53.55 -13.57
CA PRO A 329 20.56 54.33 -14.58
C PRO A 329 21.15 53.48 -15.72
N GLU A 330 21.72 52.31 -15.39
CA GLU A 330 22.39 51.48 -16.39
C GLU A 330 21.37 51.07 -17.43
N LEU A 331 20.16 50.80 -16.94
CA LEU A 331 19.06 50.45 -17.81
C LEU A 331 18.71 51.65 -18.69
N LEU A 332 18.58 52.82 -18.08
CA LEU A 332 18.18 54.03 -18.84
C LEU A 332 19.25 54.49 -19.80
N LEU A 333 20.51 54.18 -19.52
CA LEU A 333 21.60 54.60 -20.40
C LEU A 333 21.78 53.65 -21.58
N GLY A 334 21.01 52.57 -21.62
CA GLY A 334 21.09 51.65 -22.72
C GLY A 334 22.23 50.67 -22.57
N GLU A 335 22.70 50.46 -21.33
CA GLU A 335 23.81 49.55 -21.09
C GLU A 335 23.24 48.17 -20.86
N GLU A 336 24.05 47.13 -21.04
CA GLU A 336 23.65 45.78 -20.63
C GLU A 336 23.64 45.72 -19.09
N TYR A 337 22.77 44.91 -18.50
CA TYR A 337 22.64 44.85 -17.05
C TYR A 337 22.31 43.45 -16.58
N ASP A 338 22.56 43.20 -15.30
CA ASP A 338 22.12 41.94 -14.73
C ASP A 338 21.11 42.24 -13.63
N PHE A 339 21.19 41.49 -12.54
CA PHE A 339 20.27 41.59 -11.44
C PHE A 339 20.36 42.93 -10.74
N SER A 340 21.42 43.67 -10.98
CA SER A 340 21.60 44.97 -10.34
C SER A 340 20.35 45.86 -10.43
N VAL A 341 19.64 45.81 -11.55
CA VAL A 341 18.44 46.67 -11.70
C VAL A 341 17.35 46.41 -10.66
N ASP A 342 17.23 45.16 -10.23
CA ASP A 342 16.23 44.79 -9.26
C ASP A 342 16.52 45.41 -7.89
N TYR A 343 17.80 45.50 -7.55
CA TYR A 343 18.20 46.08 -6.28
C TYR A 343 18.05 47.59 -6.27
N PHE A 344 18.18 48.22 -7.43
CA PHE A 344 17.88 49.65 -7.52
C PHE A 344 16.39 49.85 -7.25
N ALA A 345 15.57 49.03 -7.85
CA ALA A 345 14.11 49.09 -7.62
C ALA A 345 13.76 48.78 -6.15
N LEU A 346 14.54 47.91 -5.53
CA LEU A 346 14.39 47.65 -4.10
C LEU A 346 14.62 48.93 -3.28
N GLY A 347 15.63 49.69 -3.64
CA GLY A 347 15.91 50.94 -2.94
C GLY A 347 14.76 51.93 -3.06
N VAL A 348 14.27 52.11 -4.28
CA VAL A 348 13.14 52.98 -4.55
C VAL A 348 11.90 52.50 -3.78
N THR A 349 11.72 51.18 -3.71
CA THR A 349 10.55 50.62 -3.04
C THR A 349 10.59 50.95 -1.56
N LEU A 350 11.72 50.65 -0.91
CA LEU A 350 11.91 50.97 0.51
C LEU A 350 11.74 52.46 0.76
N TYR A 351 12.35 53.29 -0.07
CA TYR A 351 12.24 54.76 0.08
C TYR A 351 10.77 55.15 0.19
N GLU A 352 9.99 54.62 -0.74
CA GLU A 352 8.58 54.93 -0.80
C GLU A 352 7.84 54.37 0.42
N MET A 353 8.27 53.21 0.92
CA MET A 353 7.63 52.63 2.10
C MET A 353 7.78 53.54 3.30
N ILE A 354 8.96 54.12 3.45
CA ILE A 354 9.24 55.00 4.59
C ILE A 354 8.70 56.42 4.38
N ALA A 355 8.74 56.90 3.15
CA ALA A 355 8.55 58.32 2.88
C ALA A 355 7.22 58.67 2.25
N ALA A 356 6.54 57.68 1.66
CA ALA A 356 5.26 57.91 0.94
C ALA A 356 5.41 58.94 -0.19
N ARG A 357 6.53 58.86 -0.90
CA ARG A 357 6.70 59.49 -2.21
C ARG A 357 7.90 58.87 -2.84
N GLY A 358 8.04 59.05 -4.14
CA GLY A 358 9.22 58.56 -4.84
C GLY A 358 10.42 59.43 -4.48
N PRO A 359 11.63 58.95 -4.73
CA PRO A 359 12.79 59.76 -4.39
C PRO A 359 13.17 60.76 -5.47
N PHE A 360 12.59 60.64 -6.65
CA PHE A 360 12.91 61.54 -7.77
C PHE A 360 11.81 62.54 -8.08
N ARG A 361 10.71 62.45 -7.35
CA ARG A 361 9.56 63.33 -7.62
C ARG A 361 8.90 63.88 -6.38
N ALA A 362 8.39 65.09 -6.49
CA ALA A 362 7.57 65.65 -5.45
C ALA A 362 6.21 64.94 -5.45
N ARG A 363 5.50 65.06 -4.32
CA ARG A 363 4.17 64.49 -4.16
C ARG A 363 3.29 64.96 -5.33
N GLY A 364 2.75 64.01 -6.08
CA GLY A 364 1.86 64.33 -7.20
C GLY A 364 2.49 64.94 -8.45
N GLU A 365 3.81 64.92 -8.55
CA GLU A 365 4.49 65.55 -9.67
C GLU A 365 4.44 64.62 -10.85
N LYS A 366 4.04 65.16 -11.99
CA LYS A 366 4.05 64.38 -13.22
C LYS A 366 4.94 65.10 -14.21
N VAL A 367 6.00 64.42 -14.62
CA VAL A 367 7.04 65.02 -15.43
C VAL A 367 7.21 64.24 -16.71
N GLU A 368 7.72 64.90 -17.74
CA GLU A 368 8.14 64.21 -18.96
C GLU A 368 9.09 63.06 -18.65
N ASN A 369 8.94 61.96 -19.36
CA ASN A 369 9.90 60.86 -19.25
C ASN A 369 11.35 61.31 -19.36
N LYS A 370 11.66 62.23 -20.26
CA LYS A 370 13.06 62.66 -20.42
C LYS A 370 13.56 63.45 -19.19
N GLU A 371 12.68 64.25 -18.58
CA GLU A 371 13.04 64.95 -17.35
C GLU A 371 13.26 63.96 -16.20
N LEU A 372 12.43 62.94 -16.10
CA LEU A 372 12.56 61.97 -15.05
C LEU A 372 13.85 61.14 -15.21
N LYS A 373 14.14 60.78 -16.45
CA LYS A 373 15.34 60.04 -16.77
C LYS A 373 16.60 60.82 -16.37
N GLN A 374 16.60 62.12 -16.61
CA GLN A 374 17.71 62.98 -16.19
C GLN A 374 17.91 63.04 -14.70
N ARG A 375 16.82 63.06 -13.94
CA ARG A 375 16.93 63.10 -12.51
C ARG A 375 17.51 61.78 -12.03
N VAL A 376 17.08 60.67 -12.62
CA VAL A 376 17.55 59.40 -12.13
C VAL A 376 19.03 59.26 -12.42
N LEU A 377 19.47 59.73 -13.57
CA LEU A 377 20.89 59.67 -13.93
C LEU A 377 21.78 60.57 -13.10
N GLU A 378 21.32 61.77 -12.79
CA GLU A 378 22.23 62.83 -12.36
C GLU A 378 21.93 63.45 -11.01
N GLN A 379 20.75 63.20 -10.47
CA GLN A 379 20.34 63.92 -9.28
C GLN A 379 20.53 63.04 -8.07
N ALA A 380 21.15 63.62 -7.04
CA ALA A 380 21.39 62.93 -5.79
C ALA A 380 20.09 62.89 -5.01
N VAL A 381 19.74 61.72 -4.49
CA VAL A 381 18.53 61.59 -3.69
C VAL A 381 18.73 62.25 -2.32
N THR A 382 17.69 62.89 -1.78
CA THR A 382 17.71 63.47 -0.42
C THR A 382 16.75 62.69 0.50
N TYR A 383 17.08 62.65 1.80
CA TYR A 383 16.32 61.85 2.77
C TYR A 383 15.79 62.71 3.91
N PRO A 384 14.48 62.70 4.13
CA PRO A 384 13.89 63.45 5.25
C PRO A 384 14.11 62.79 6.60
N ASP A 385 13.70 63.47 7.67
CA ASP A 385 13.89 63.00 9.07
C ASP A 385 13.36 61.58 9.33
N LYS A 386 12.24 61.23 8.73
CA LYS A 386 11.68 59.86 8.83
C LYS A 386 12.67 58.68 8.58
N PHE A 387 13.82 58.95 7.99
CA PHE A 387 14.83 57.90 7.78
C PHE A 387 15.85 57.92 8.94
N SER A 388 16.07 56.76 9.53
CA SER A 388 17.14 56.56 10.52
C SER A 388 18.47 56.44 9.78
N PRO A 389 19.60 56.54 10.51
CA PRO A 389 20.88 56.38 9.81
C PRO A 389 21.00 55.07 9.01
N ALA A 390 20.40 53.99 9.51
CA ALA A 390 20.49 52.67 8.86
C ALA A 390 19.59 52.51 7.61
N SER A 391 18.33 52.95 7.72
CA SER A 391 17.43 53.11 6.58
C SER A 391 18.11 53.85 5.46
N LYS A 392 18.72 54.99 5.83
CA LYS A 392 19.28 55.89 4.85
C LYS A 392 20.51 55.27 4.19
N ASP A 393 21.43 54.75 4.99
CA ASP A 393 22.63 54.08 4.48
C ASP A 393 22.28 52.94 3.51
N PHE A 394 21.23 52.17 3.81
CA PHE A 394 20.84 51.03 3.01
C PHE A 394 20.26 51.47 1.66
N CYS A 395 19.38 52.47 1.71
CA CYS A 395 18.84 53.08 0.52
C CYS A 395 19.96 53.65 -0.35
N GLU A 396 20.90 54.33 0.29
CA GLU A 396 22.04 54.92 -0.42
C GLU A 396 22.83 53.81 -1.14
N ALA A 397 23.01 52.69 -0.47
CA ALA A 397 23.77 51.60 -1.02
C ALA A 397 23.00 50.95 -2.19
N LEU A 398 21.68 51.01 -2.20
CA LEU A 398 20.91 50.41 -3.28
C LEU A 398 20.69 51.37 -4.45
N LEU A 399 20.65 52.66 -4.13
CA LEU A 399 20.33 53.67 -5.12
C LEU A 399 21.59 54.24 -5.74
N GLN A 400 22.76 53.76 -5.31
CA GLN A 400 24.03 53.91 -6.05
C GLN A 400 23.86 53.80 -7.56
N LYS A 401 24.27 54.82 -8.30
CA LYS A 401 24.06 54.85 -9.75
C LYS A 401 24.93 53.86 -10.55
N ASP A 402 26.13 53.60 -10.06
CA ASP A 402 27.05 52.65 -10.64
C ASP A 402 26.67 51.24 -10.15
N PRO A 403 26.14 50.38 -11.06
CA PRO A 403 25.80 49.03 -10.63
C PRO A 403 26.95 48.26 -9.95
N GLU A 404 28.20 48.46 -10.38
CA GLU A 404 29.34 47.79 -9.73
C GLU A 404 29.45 48.14 -8.24
N LYS A 405 29.03 49.34 -7.87
CA LYS A 405 29.10 49.78 -6.47
C LYS A 405 27.82 49.46 -5.67
N ARG A 406 26.77 49.01 -6.35
CA ARG A 406 25.50 48.83 -5.68
C ARG A 406 25.47 47.54 -4.91
N LEU A 407 24.81 47.54 -3.78
CA LEU A 407 24.62 46.34 -2.99
C LEU A 407 23.69 45.44 -3.77
N GLY A 408 23.93 44.13 -3.73
CA GLY A 408 23.05 43.20 -4.40
C GLY A 408 23.40 41.73 -4.29
N PHE A 409 23.34 41.05 -5.43
CA PHE A 409 23.63 39.64 -5.53
C PHE A 409 25.15 39.46 -5.79
N ARG A 410 25.81 38.68 -4.94
CA ARG A 410 27.25 38.41 -5.07
C ARG A 410 27.56 37.00 -4.61
N ASP A 411 28.50 36.34 -5.29
CA ASP A 411 28.95 35.00 -4.91
C ASP A 411 27.76 34.09 -4.79
N GLY A 412 26.86 34.16 -5.76
CA GLY A 412 25.63 33.35 -5.77
C GLY A 412 24.62 33.60 -4.66
N SER A 413 24.70 34.70 -3.92
CA SER A 413 23.68 34.95 -2.89
C SER A 413 23.50 36.44 -2.49
N CYS A 414 22.53 36.69 -1.62
CA CYS A 414 22.36 37.99 -1.01
C CYS A 414 22.91 38.02 0.41
N ASP A 415 23.81 37.08 0.73
CA ASP A 415 24.35 36.95 2.09
C ASP A 415 25.10 38.22 2.53
N GLY A 416 25.86 38.83 1.62
CA GLY A 416 26.56 40.10 1.91
C GLY A 416 25.58 41.22 2.20
N LEU A 417 24.54 41.31 1.38
CA LEU A 417 23.49 42.31 1.58
C LEU A 417 22.83 42.10 2.95
N ARG A 418 22.70 40.87 3.40
CA ARG A 418 22.04 40.58 4.67
C ARG A 418 22.79 41.09 5.90
N THR A 419 24.12 41.21 5.82
CA THR A 419 24.91 41.75 6.93
C THR A 419 24.75 43.25 7.10
N HIS A 420 23.98 43.90 6.23
CA HIS A 420 23.80 45.33 6.39
C HIS A 420 23.06 45.55 7.70
N PRO A 421 23.48 46.55 8.49
CA PRO A 421 22.92 46.68 9.85
C PRO A 421 21.44 47.05 9.93
N LEU A 422 20.85 47.52 8.84
CA LEU A 422 19.40 47.66 8.78
C LEU A 422 18.69 46.39 9.25
N PHE A 423 19.26 45.23 8.92
CA PHE A 423 18.64 43.92 9.16
C PHE A 423 19.14 43.23 10.43
N ARG A 424 19.89 43.98 11.23
CA ARG A 424 20.47 43.56 12.49
C ARG A 424 19.54 42.84 13.49
N ASP A 425 18.24 43.08 13.42
CA ASP A 425 17.29 42.39 14.28
C ASP A 425 16.39 41.39 13.53
N ILE A 426 16.81 40.92 12.35
CA ILE A 426 16.07 39.93 11.59
C ILE A 426 16.75 38.58 11.74
N SER A 427 16.02 37.57 12.22
CA SER A 427 16.53 36.20 12.22
C SER A 427 16.18 35.65 10.85
N TRP A 428 17.22 35.48 10.03
CA TRP A 428 17.03 35.06 8.66
C TRP A 428 16.46 33.64 8.53
N ARG A 429 16.89 32.74 9.40
CA ARG A 429 16.40 31.37 9.41
C ARG A 429 14.89 31.32 9.53
N GLN A 430 14.35 32.06 10.47
CA GLN A 430 12.93 32.03 10.75
C GLN A 430 12.20 32.84 9.71
N LEU A 431 12.83 33.89 9.23
CA LEU A 431 12.26 34.61 8.12
C LEU A 431 12.05 33.67 6.92
N GLU A 432 13.09 32.92 6.55
CA GLU A 432 13.02 32.07 5.36
C GLU A 432 12.14 30.87 5.50
N ALA A 433 11.88 30.44 6.73
CA ALA A 433 10.96 29.33 6.97
C ALA A 433 9.56 29.82 7.35
N GLY A 434 9.30 31.13 7.21
CA GLY A 434 7.97 31.68 7.44
C GLY A 434 7.52 31.66 8.88
N MET A 435 8.45 31.65 9.83
CA MET A 435 8.13 31.53 11.26
C MET A 435 7.91 32.86 11.99
N LEU A 436 8.52 33.94 11.51
CA LEU A 436 8.43 35.23 12.19
C LEU A 436 7.02 35.79 12.13
N THR A 437 6.56 36.35 13.23
CA THR A 437 5.26 37.01 13.27
C THR A 437 5.35 38.28 12.46
N PRO A 438 4.46 38.44 11.48
CA PRO A 438 4.54 39.66 10.68
C PRO A 438 4.17 40.88 11.50
N PRO A 439 4.46 42.09 10.99
CA PRO A 439 4.21 43.34 11.72
C PRO A 439 2.78 43.87 11.62
N PHE A 440 2.09 43.57 10.51
CA PHE A 440 0.70 43.96 10.30
C PHE A 440 -0.07 42.76 9.77
N VAL A 441 -1.16 42.37 10.45
CA VAL A 441 -2.00 41.24 10.05
C VAL A 441 -3.29 41.80 9.44
N PRO A 442 -3.51 41.59 8.12
CA PRO A 442 -4.70 42.18 7.50
C PRO A 442 -6.01 41.66 8.09
N ASP A 443 -7.07 42.46 7.91
CA ASP A 443 -8.39 42.18 8.49
C ASP A 443 -9.23 41.35 7.52
N SER A 444 -9.88 40.30 8.02
CA SER A 444 -10.70 39.43 7.16
C SER A 444 -11.99 40.12 6.68
N ARG A 445 -12.48 41.08 7.46
CA ARG A 445 -13.68 41.84 7.10
C ARG A 445 -13.46 42.76 5.90
N THR A 446 -12.20 43.06 5.59
CA THR A 446 -11.88 44.23 4.76
C THR A 446 -11.34 43.88 3.38
N VAL A 447 -11.91 44.53 2.36
CA VAL A 447 -11.40 44.47 0.99
C VAL A 447 -10.31 45.54 0.84
N TYR A 448 -9.09 45.10 0.60
CA TYR A 448 -7.95 45.99 0.40
C TYR A 448 -7.79 46.29 -1.10
N ALA A 449 -8.83 46.84 -1.71
CA ALA A 449 -8.89 47.13 -3.15
C ALA A 449 -9.84 48.30 -3.42
N LYS A 450 -9.92 48.74 -4.67
CA LYS A 450 -10.82 49.83 -5.05
C LYS A 450 -12.26 49.33 -5.02
N ASN A 451 -13.17 50.15 -4.50
CA ASN A 451 -14.58 49.75 -4.43
C ASN A 451 -15.13 49.47 -5.83
N ILE A 452 -15.82 48.33 -5.94
CA ILE A 452 -16.35 47.81 -7.20
C ILE A 452 -17.28 48.81 -7.90
N GLN A 453 -17.97 49.62 -7.11
CA GLN A 453 -18.83 50.65 -7.63
C GLN A 453 -18.06 51.87 -8.15
N ASP A 454 -16.75 51.93 -7.90
CA ASP A 454 -15.91 53.07 -8.31
C ASP A 454 -14.91 52.70 -9.42
N VAL A 455 -15.09 51.55 -10.04
CA VAL A 455 -14.18 51.07 -11.08
C VAL A 455 -14.63 51.53 -12.45
N GLY A 456 -13.74 52.20 -13.17
CA GLY A 456 -14.03 52.63 -14.52
C GLY A 456 -14.13 51.42 -15.44
N ALA A 457 -15.21 51.40 -16.22
CA ALA A 457 -15.40 50.34 -17.21
C ALA A 457 -14.52 50.56 -18.44
N PHE A 458 -14.20 49.46 -19.13
CA PHE A 458 -13.42 49.52 -20.36
C PHE A 458 -14.28 49.31 -21.58
N SER A 459 -14.02 50.03 -22.65
CA SER A 459 -14.80 49.86 -23.88
C SER A 459 -14.58 48.45 -24.43
N THR A 460 -15.46 48.03 -25.33
CA THR A 460 -15.39 46.70 -25.92
C THR A 460 -14.39 46.73 -27.04
N VAL A 461 -13.67 45.62 -27.20
CA VAL A 461 -12.69 45.47 -28.25
C VAL A 461 -13.41 44.95 -29.49
N LYS A 462 -13.34 45.72 -30.57
CA LYS A 462 -14.09 45.46 -31.79
C LYS A 462 -13.13 45.02 -32.88
N GLY A 463 -13.54 44.04 -33.69
CA GLY A 463 -12.76 43.58 -34.85
C GLY A 463 -11.35 43.08 -34.58
N VAL A 464 -11.19 42.25 -33.55
CA VAL A 464 -9.95 41.49 -33.39
C VAL A 464 -10.29 40.00 -33.56
N ALA A 465 -10.53 39.61 -34.81
CA ALA A 465 -10.78 38.21 -35.15
C ALA A 465 -9.52 37.39 -34.86
N PHE A 466 -9.70 36.15 -34.40
CA PHE A 466 -8.57 35.29 -34.06
C PHE A 466 -8.18 34.40 -35.23
N GLU A 467 -6.93 34.52 -35.64
CA GLU A 467 -6.33 33.68 -36.65
C GLU A 467 -5.76 32.41 -36.00
N LYS A 468 -5.20 31.55 -36.84
CA LYS A 468 -4.60 30.32 -36.38
C LYS A 468 -3.47 30.58 -35.38
N ALA A 469 -2.60 31.54 -35.68
CA ALA A 469 -1.45 31.82 -34.79
C ALA A 469 -1.88 32.19 -33.36
N ASP A 470 -3.01 32.88 -33.23
CA ASP A 470 -3.54 33.25 -31.91
C ASP A 470 -4.02 32.02 -31.15
N THR A 471 -4.78 31.17 -31.82
CA THR A 471 -5.36 30.00 -31.18
C THR A 471 -4.27 28.99 -30.82
N GLU A 472 -3.27 28.83 -31.68
CA GLU A 472 -2.11 27.98 -31.37
C GLU A 472 -1.35 28.53 -30.20
N PHE A 473 -1.23 29.85 -30.13
CA PHE A 473 -0.56 30.48 -29.00
C PHE A 473 -1.35 30.28 -27.69
N PHE A 474 -2.66 30.47 -27.75
CA PHE A 474 -3.52 30.19 -26.57
C PHE A 474 -3.35 28.75 -26.05
N GLN A 475 -3.22 27.79 -26.96
CA GLN A 475 -2.99 26.39 -26.57
C GLN A 475 -1.60 26.14 -25.96
N GLU A 476 -0.57 26.87 -26.41
CA GLU A 476 0.74 26.75 -25.79
C GLU A 476 0.65 27.26 -24.38
N PHE A 477 -0.06 28.37 -24.21
CA PHE A 477 -0.18 28.98 -22.89
C PHE A 477 -0.86 28.03 -21.92
N ALA A 478 -1.88 27.33 -22.38
CA ALA A 478 -2.73 26.52 -21.51
C ALA A 478 -2.08 25.17 -21.29
N SER A 479 -0.93 25.17 -20.62
CA SER A 479 -0.18 23.94 -20.38
C SER A 479 -0.76 23.14 -19.24
N GLY A 480 -1.83 23.63 -18.60
CA GLY A 480 -2.55 22.86 -17.57
C GLY A 480 -1.99 22.98 -16.15
N THR A 481 -1.79 21.82 -15.53
CA THR A 481 -1.59 21.73 -14.07
C THR A 481 -0.12 21.67 -13.69
N CYS A 482 0.28 22.45 -12.69
CA CYS A 482 1.67 22.44 -12.21
C CYS A 482 1.85 21.43 -11.08
N PRO A 483 2.77 20.48 -11.27
CA PRO A 483 2.94 19.34 -10.39
C PRO A 483 3.10 19.66 -8.89
N ILE A 484 3.99 20.56 -8.53
CA ILE A 484 4.32 20.74 -7.10
C ILE A 484 3.15 21.38 -6.34
N PRO A 485 2.61 22.50 -6.85
CA PRO A 485 1.45 23.05 -6.18
C PRO A 485 0.23 22.13 -6.17
N TRP A 486 0.08 21.30 -7.20
CA TRP A 486 -1.08 20.36 -7.22
C TRP A 486 -0.96 19.28 -6.16
N GLN A 487 0.24 18.75 -5.98
CA GLN A 487 0.53 17.80 -4.93
C GLN A 487 0.39 18.41 -3.53
N GLU A 488 0.90 19.62 -3.35
CA GLU A 488 0.65 20.34 -2.10
C GLU A 488 -0.86 20.41 -1.82
N GLU A 489 -1.66 20.69 -2.84
CA GLU A 489 -3.10 20.83 -2.62
C GLU A 489 -3.75 19.50 -2.18
N MET A 490 -3.40 18.41 -2.88
CA MET A 490 -3.99 17.09 -2.59
C MET A 490 -3.66 16.68 -1.17
N ILE A 491 -2.41 16.86 -0.76
CA ILE A 491 -2.01 16.60 0.62
C ILE A 491 -2.74 17.53 1.60
N GLU A 492 -2.63 18.85 1.44
CA GLU A 492 -3.22 19.83 2.38
C GLU A 492 -4.71 19.62 2.65
N THR A 493 -5.46 19.27 1.61
CA THR A 493 -6.89 19.18 1.71
C THR A 493 -7.35 17.77 2.08
N GLY A 494 -6.41 16.87 2.31
CA GLY A 494 -6.72 15.53 2.76
C GLY A 494 -7.14 14.56 1.67
N VAL A 495 -7.17 15.00 0.41
CA VAL A 495 -7.48 14.11 -0.67
C VAL A 495 -6.41 13.05 -0.82
N PHE A 496 -5.15 13.43 -0.68
CA PHE A 496 -4.09 12.45 -0.73
C PHE A 496 -4.31 11.33 0.28
N GLY A 497 -4.46 11.70 1.54
CA GLY A 497 -4.68 10.75 2.61
C GLY A 497 -5.91 9.90 2.39
N ASP A 498 -6.98 10.51 1.88
CA ASP A 498 -8.21 9.79 1.61
C ASP A 498 -8.06 8.75 0.50
N LEU A 499 -7.38 9.10 -0.58
CA LEU A 499 -7.27 8.20 -1.71
C LEU A 499 -6.04 7.32 -1.62
N ASN A 500 -5.10 7.65 -0.74
CA ASN A 500 -3.89 6.87 -0.66
C ASN A 500 -4.08 5.70 0.26
N VAL A 501 -4.96 4.83 -0.16
CA VAL A 501 -5.45 3.75 0.69
C VAL A 501 -4.69 2.49 0.38
N TRP A 502 -4.82 1.56 1.30
CA TRP A 502 -4.28 0.23 1.10
C TRP A 502 -5.10 -0.79 1.85
N ARG A 503 -5.30 -0.58 3.14
CA ARG A 503 -6.05 -1.53 3.95
C ARG A 503 -7.02 -0.89 4.93
N PRO A 504 -8.14 -0.35 4.43
CA PRO A 504 -9.12 0.22 5.35
C PRO A 504 -9.83 -0.82 6.20
N ARG B 2 8.46 -16.93 17.90
CA ARG B 2 9.19 -16.28 16.76
C ARG B 2 10.70 -16.18 17.03
N ASP B 3 11.50 -16.41 15.99
CA ASP B 3 12.96 -16.23 16.05
C ASP B 3 13.34 -15.15 15.03
N ARG B 4 13.81 -14.01 15.54
CA ARG B 4 14.23 -12.85 14.73
C ARG B 4 15.06 -13.22 13.49
N LYS B 5 15.98 -14.15 13.66
CA LYS B 5 16.92 -14.55 12.63
C LYS B 5 16.23 -15.05 11.34
N TYR B 6 15.25 -15.94 11.50
CA TYR B 6 14.55 -16.52 10.36
C TYR B 6 13.36 -15.65 9.99
N LEU B 7 12.75 -15.02 10.99
CA LEU B 7 11.72 -14.01 10.69
C LEU B 7 12.26 -12.95 9.73
N ALA B 8 13.52 -12.56 9.93
CA ALA B 8 14.17 -11.59 9.04
C ALA B 8 14.24 -12.05 7.58
N ARG B 9 14.19 -13.37 7.33
CA ARG B 9 14.32 -13.82 5.96
C ARG B 9 13.01 -13.74 5.23
N LEU B 10 11.94 -13.45 5.95
CA LEU B 10 10.63 -13.31 5.33
C LEU B 10 10.43 -11.86 4.91
N LYS B 11 11.02 -11.51 3.77
CA LYS B 11 10.99 -10.16 3.25
C LYS B 11 10.42 -10.20 1.85
N LEU B 12 9.57 -9.24 1.57
CA LEU B 12 8.97 -9.14 0.27
C LEU B 12 10.05 -8.69 -0.71
N PRO B 13 10.15 -9.34 -1.88
CA PRO B 13 11.16 -9.00 -2.87
C PRO B 13 10.92 -7.72 -3.62
N PRO B 14 11.94 -7.21 -4.32
CA PRO B 14 11.68 -6.17 -5.29
C PRO B 14 10.81 -6.75 -6.38
N LEU B 15 10.03 -5.88 -7.01
CA LEU B 15 9.05 -6.35 -7.99
C LEU B 15 9.72 -7.00 -9.19
N SER B 16 10.89 -6.52 -9.58
CA SER B 16 11.59 -7.07 -10.73
C SER B 16 11.97 -8.54 -10.56
N LYS B 17 12.16 -8.97 -9.32
CA LYS B 17 12.43 -10.38 -9.07
C LYS B 17 11.22 -11.28 -9.34
N CYS B 18 10.03 -10.69 -9.40
CA CYS B 18 8.81 -11.46 -9.66
C CYS B 18 8.43 -11.59 -11.13
N GLU B 19 9.29 -11.20 -12.07
CA GLU B 19 8.92 -11.30 -13.50
C GLU B 19 8.72 -12.73 -14.01
N ALA B 20 9.63 -13.64 -13.66
CA ALA B 20 9.54 -15.02 -14.19
C ALA B 20 8.27 -15.68 -13.70
N LEU B 21 7.96 -15.49 -12.44
CA LEU B 21 6.79 -16.06 -11.79
C LEU B 21 5.53 -15.53 -12.47
N ARG B 22 5.48 -14.22 -12.67
CA ARG B 22 4.35 -13.61 -13.34
C ARG B 22 4.12 -14.25 -14.72
N GLU B 23 5.22 -14.46 -15.44
CA GLU B 23 5.19 -14.94 -16.81
C GLU B 23 4.71 -16.40 -16.88
N SER B 24 5.04 -17.20 -15.86
CA SER B 24 4.74 -18.62 -15.88
C SER B 24 3.52 -18.98 -15.05
N LEU B 25 3.04 -18.06 -14.24
CA LEU B 25 1.91 -18.32 -13.35
C LEU B 25 0.60 -18.43 -14.14
N ASP B 26 -0.10 -19.52 -13.89
CA ASP B 26 -1.23 -19.91 -14.72
C ASP B 26 -2.44 -20.12 -13.81
N LEU B 27 -2.84 -19.05 -13.15
CA LEU B 27 -3.93 -19.11 -12.21
C LEU B 27 -5.18 -18.39 -12.71
N GLY B 28 -6.33 -18.97 -12.40
CA GLY B 28 -7.61 -18.38 -12.74
C GLY B 28 -8.17 -17.78 -11.49
N PHE B 29 -9.36 -17.21 -11.61
CA PHE B 29 -10.03 -16.60 -10.49
C PHE B 29 -10.20 -17.55 -9.29
N GLU B 30 -10.62 -18.79 -9.55
CA GLU B 30 -10.89 -19.73 -8.46
C GLU B 30 -9.62 -20.09 -7.69
N GLY B 31 -8.57 -20.48 -8.41
CA GLY B 31 -7.27 -20.78 -7.81
C GLY B 31 -6.66 -19.62 -7.05
N MET B 32 -6.74 -18.42 -7.61
CA MET B 32 -6.05 -17.27 -7.03
C MET B 32 -6.81 -16.60 -5.90
N CYS B 33 -8.10 -16.29 -6.12
CA CYS B 33 -8.83 -15.45 -5.17
C CYS B 33 -9.77 -16.15 -4.22
N LEU B 34 -10.10 -17.41 -4.49
CA LEU B 34 -10.94 -18.19 -3.59
C LEU B 34 -10.15 -19.25 -2.84
N GLU B 35 -9.31 -20.01 -3.52
CA GLU B 35 -8.65 -21.17 -2.93
C GLU B 35 -7.35 -20.85 -2.21
N GLN B 36 -6.67 -19.76 -2.58
CA GLN B 36 -5.38 -19.39 -1.97
C GLN B 36 -5.58 -18.29 -0.95
N PRO B 37 -5.38 -18.59 0.33
CA PRO B 37 -5.75 -17.63 1.36
C PRO B 37 -5.15 -16.25 1.24
N ILE B 38 -3.93 -16.12 0.71
CA ILE B 38 -3.36 -14.78 0.55
C ILE B 38 -3.96 -14.04 -0.65
N GLY B 39 -4.30 -14.76 -1.71
CA GLY B 39 -4.93 -14.12 -2.87
C GLY B 39 -6.34 -13.66 -2.48
N LYS B 40 -7.06 -14.50 -1.76
CA LYS B 40 -8.41 -14.15 -1.33
C LYS B 40 -8.37 -12.89 -0.49
N ARG B 41 -7.42 -12.82 0.43
CA ARG B 41 -7.28 -11.65 1.30
C ARG B 41 -6.94 -10.38 0.52
N LEU B 42 -6.00 -10.47 -0.42
CA LEU B 42 -5.62 -9.30 -1.17
C LEU B 42 -6.76 -8.88 -2.11
N PHE B 43 -7.45 -9.89 -2.69
CA PHE B 43 -8.60 -9.63 -3.52
C PHE B 43 -9.71 -8.94 -2.70
N GLN B 44 -9.95 -9.38 -1.48
CA GLN B 44 -10.94 -8.70 -0.65
C GLN B 44 -10.50 -7.28 -0.27
N GLN B 45 -9.20 -7.06 -0.03
CA GLN B 45 -8.66 -5.75 0.24
C GLN B 45 -8.87 -4.85 -0.95
N PHE B 46 -8.63 -5.37 -2.14
CA PHE B 46 -8.88 -4.64 -3.35
C PHE B 46 -10.34 -4.17 -3.39
N LEU B 47 -11.28 -5.09 -3.19
CA LEU B 47 -12.71 -4.78 -3.25
C LEU B 47 -13.13 -3.73 -2.23
N ARG B 48 -12.52 -3.79 -1.06
CA ARG B 48 -12.86 -2.93 0.06
C ARG B 48 -12.47 -1.49 -0.21
N THR B 49 -11.51 -1.26 -1.11
CA THR B 49 -11.04 0.11 -1.43
C THR B 49 -11.71 0.68 -2.67
N HIS B 50 -12.51 -0.11 -3.36
CA HIS B 50 -13.24 0.37 -4.53
C HIS B 50 -14.70 0.26 -4.19
N GLU B 51 -15.25 1.38 -3.79
CA GLU B 51 -16.60 1.53 -3.26
C GLU B 51 -17.69 0.83 -4.05
N GLN B 52 -17.59 0.80 -5.38
CA GLN B 52 -18.63 0.15 -6.18
C GLN B 52 -18.74 -1.36 -5.91
N HIS B 53 -17.67 -1.97 -5.41
CA HIS B 53 -17.68 -3.39 -5.11
C HIS B 53 -18.03 -3.70 -3.66
N GLY B 54 -18.38 -2.70 -2.87
CA GLY B 54 -18.73 -2.90 -1.46
C GLY B 54 -19.88 -3.83 -1.16
N PRO B 55 -21.04 -3.63 -1.84
CA PRO B 55 -22.11 -4.58 -1.64
C PRO B 55 -21.68 -6.02 -1.88
N ALA B 56 -21.00 -6.30 -2.99
CA ALA B 56 -20.61 -7.68 -3.33
C ALA B 56 -19.66 -8.26 -2.28
N LEU B 57 -18.69 -7.45 -1.86
CA LEU B 57 -17.73 -7.90 -0.89
C LEU B 57 -18.38 -8.25 0.44
N GLN B 58 -19.24 -7.37 0.93
CA GLN B 58 -19.85 -7.56 2.24
C GLN B 58 -20.81 -8.74 2.25
N LEU B 59 -21.49 -8.92 1.12
CA LEU B 59 -22.46 -9.99 1.01
C LEU B 59 -21.75 -11.32 1.13
N TRP B 60 -20.66 -11.44 0.37
CA TRP B 60 -19.79 -12.59 0.38
C TRP B 60 -19.33 -12.93 1.81
N LYS B 61 -18.85 -11.92 2.53
CA LYS B 61 -18.34 -12.12 3.86
C LYS B 61 -19.44 -12.55 4.82
N ASP B 62 -20.61 -11.94 4.67
CA ASP B 62 -21.74 -12.25 5.54
C ASP B 62 -22.32 -13.61 5.29
N ILE B 63 -22.33 -14.05 4.03
CA ILE B 63 -22.71 -15.44 3.73
C ILE B 63 -21.75 -16.43 4.40
N GLU B 64 -20.45 -16.22 4.21
CA GLU B 64 -19.45 -17.10 4.82
C GLU B 64 -19.55 -17.06 6.35
N ASP B 65 -19.78 -15.86 6.90
CA ASP B 65 -20.07 -15.70 8.34
C ASP B 65 -21.31 -16.50 8.76
N TYR B 66 -22.37 -16.47 7.95
CA TYR B 66 -23.57 -17.26 8.22
C TYR B 66 -23.24 -18.75 8.24
N ASP B 67 -22.50 -19.21 7.24
CA ASP B 67 -22.26 -20.64 7.04
C ASP B 67 -21.52 -21.25 8.19
N THR B 68 -20.69 -20.47 8.87
CA THR B 68 -19.91 -20.97 9.98
C THR B 68 -20.42 -20.50 11.35
N ALA B 69 -21.63 -19.96 11.41
CA ALA B 69 -22.22 -19.52 12.68
C ALA B 69 -22.89 -20.66 13.48
N ASP B 70 -22.72 -20.58 14.79
CA ASP B 70 -23.48 -21.40 15.75
C ASP B 70 -24.98 -21.25 15.41
N ASP B 71 -25.72 -22.36 15.46
CA ASP B 71 -27.17 -22.42 15.08
C ASP B 71 -28.07 -21.35 15.72
N ALA B 72 -27.77 -21.02 16.97
CA ALA B 72 -28.49 -19.99 17.71
C ALA B 72 -28.29 -18.58 17.10
N LEU B 73 -27.16 -18.32 16.46
CA LEU B 73 -26.93 -16.99 15.86
C LEU B 73 -27.51 -16.85 14.45
N ARG B 74 -28.07 -17.92 13.89
CA ARG B 74 -28.39 -17.96 12.44
C ARG B 74 -29.65 -17.20 12.03
N PRO B 75 -30.75 -17.37 12.77
CA PRO B 75 -31.99 -16.65 12.42
C PRO B 75 -31.77 -15.15 12.21
N GLN B 76 -31.02 -14.56 13.13
CA GLN B 76 -30.75 -13.12 13.17
C GLN B 76 -29.70 -12.71 12.13
N LYS B 77 -28.71 -13.56 11.88
CA LYS B 77 -27.74 -13.30 10.80
C LYS B 77 -28.40 -13.36 9.41
N ALA B 78 -29.27 -14.34 9.22
CA ALA B 78 -30.11 -14.41 8.04
C ALA B 78 -30.96 -13.16 7.95
N GLN B 79 -31.66 -12.81 9.03
CA GLN B 79 -32.50 -11.63 9.02
C GLN B 79 -31.71 -10.39 8.54
N ALA B 80 -30.58 -10.11 9.19
CA ALA B 80 -29.79 -8.91 8.88
C ALA B 80 -29.23 -8.91 7.48
N LEU B 81 -28.77 -10.07 7.02
CA LEU B 81 -28.25 -10.22 5.66
C LEU B 81 -29.37 -9.88 4.65
N ARG B 82 -30.56 -10.42 4.89
CA ARG B 82 -31.67 -10.23 3.97
C ARG B 82 -32.10 -8.76 3.89
N ALA B 83 -32.04 -8.07 5.04
CA ALA B 83 -32.54 -6.69 5.11
C ALA B 83 -31.53 -5.73 4.50
N ALA B 84 -30.27 -6.14 4.50
CA ALA B 84 -29.19 -5.32 4.01
C ALA B 84 -28.91 -5.44 2.50
N TYR B 85 -29.12 -6.63 1.92
CA TYR B 85 -28.69 -6.87 0.52
C TYR B 85 -29.79 -7.18 -0.49
N LEU B 86 -30.95 -7.61 0.00
CA LEU B 86 -31.92 -8.33 -0.83
C LEU B 86 -33.30 -7.73 -0.86
N GLU B 87 -33.71 -7.09 0.22
CA GLU B 87 -35.03 -6.47 0.28
C GLU B 87 -35.07 -5.23 -0.63
N PRO B 88 -36.26 -4.87 -1.13
CA PRO B 88 -36.44 -3.95 -2.26
C PRO B 88 -35.61 -2.67 -2.26
N GLN B 89 -35.55 -1.96 -1.14
CA GLN B 89 -34.77 -0.70 -1.11
C GLN B 89 -33.53 -0.82 -0.23
N ALA B 90 -33.00 -2.04 -0.14
CA ALA B 90 -31.84 -2.32 0.71
C ALA B 90 -30.70 -1.37 0.36
N GLN B 91 -30.01 -0.89 1.39
CA GLN B 91 -28.92 0.06 1.22
C GLN B 91 -27.70 -0.52 0.52
N LEU B 92 -27.44 -1.81 0.73
CA LEU B 92 -26.38 -2.49 0.01
C LEU B 92 -26.94 -3.46 -1.01
N PHE B 93 -28.00 -3.05 -1.72
CA PHE B 93 -28.62 -3.91 -2.73
C PHE B 93 -27.61 -4.26 -3.83
N CYS B 94 -27.60 -5.53 -4.23
CA CYS B 94 -26.69 -5.99 -5.28
C CYS B 94 -27.45 -6.10 -6.59
N SER B 95 -27.32 -5.08 -7.42
CA SER B 95 -28.13 -4.98 -8.61
C SER B 95 -27.72 -6.01 -9.66
N PHE B 96 -26.49 -6.50 -9.56
CA PHE B 96 -25.98 -7.51 -10.49
C PHE B 96 -26.66 -8.88 -10.38
N LEU B 97 -27.37 -9.14 -9.27
CA LEU B 97 -28.10 -10.39 -9.14
C LEU B 97 -29.38 -10.33 -9.91
N ASP B 98 -29.90 -11.48 -10.33
CA ASP B 98 -31.23 -11.50 -10.92
C ASP B 98 -32.29 -11.76 -9.83
N ALA B 99 -33.53 -11.48 -10.19
CA ALA B 99 -34.60 -11.39 -9.20
C ALA B 99 -34.97 -12.72 -8.60
N GLU B 100 -34.79 -13.80 -9.38
CA GLU B 100 -35.12 -15.15 -8.95
C GLU B 100 -34.16 -15.55 -7.83
N THR B 101 -32.86 -15.42 -8.09
CA THR B 101 -31.83 -15.58 -7.07
C THR B 101 -32.16 -14.79 -5.81
N VAL B 102 -32.63 -13.54 -5.95
CA VAL B 102 -32.95 -12.68 -4.80
C VAL B 102 -34.18 -13.19 -4.04
N ALA B 103 -35.27 -13.42 -4.75
CA ALA B 103 -36.49 -13.92 -4.15
C ALA B 103 -36.30 -15.24 -3.41
N ARG B 104 -35.54 -16.16 -4.00
CA ARG B 104 -35.34 -17.44 -3.34
C ARG B 104 -34.48 -17.27 -2.07
N ALA B 105 -33.46 -16.42 -2.13
CA ALA B 105 -32.60 -16.19 -0.96
C ALA B 105 -33.36 -15.53 0.20
N ARG B 106 -34.45 -14.85 -0.12
CA ARG B 106 -35.30 -14.22 0.90
C ARG B 106 -36.24 -15.22 1.54
N ALA B 107 -36.44 -16.37 0.91
CA ALA B 107 -37.40 -17.36 1.39
C ALA B 107 -36.72 -18.54 2.10
N GLY B 108 -37.35 -18.99 3.18
CA GLY B 108 -37.01 -20.25 3.83
C GLY B 108 -35.84 -20.27 4.80
N ALA B 109 -35.53 -21.50 5.24
CA ALA B 109 -34.45 -21.80 6.20
C ALA B 109 -33.65 -23.00 5.69
N GLY B 110 -32.88 -23.64 6.57
CA GLY B 110 -32.10 -24.81 6.16
C GLY B 110 -30.64 -24.47 5.94
N ASP B 111 -29.87 -25.50 5.58
CA ASP B 111 -28.41 -25.41 5.59
C ASP B 111 -27.79 -24.64 4.38
N GLY B 112 -28.12 -25.05 3.17
CA GLY B 112 -27.63 -24.37 1.95
C GLY B 112 -28.48 -23.17 1.57
N LEU B 113 -28.88 -22.41 2.59
CA LEU B 113 -29.86 -21.36 2.42
C LEU B 113 -29.37 -20.30 1.42
N PHE B 114 -28.10 -19.93 1.53
CA PHE B 114 -27.48 -18.91 0.66
C PHE B 114 -26.37 -19.43 -0.27
N GLN B 115 -26.31 -20.75 -0.49
CA GLN B 115 -25.35 -21.33 -1.45
C GLN B 115 -25.62 -20.84 -2.88
N PRO B 116 -26.87 -20.91 -3.37
CA PRO B 116 -27.13 -20.36 -4.70
C PRO B 116 -26.78 -18.87 -4.83
N LEU B 117 -27.06 -18.10 -3.78
CA LEU B 117 -26.70 -16.70 -3.75
C LEU B 117 -25.17 -16.52 -3.83
N LEU B 118 -24.42 -17.28 -3.04
CA LEU B 118 -22.97 -17.15 -3.01
C LEU B 118 -22.34 -17.51 -4.37
N ARG B 119 -22.78 -18.62 -4.94
CA ARG B 119 -22.45 -18.96 -6.32
C ARG B 119 -22.64 -17.78 -7.29
N ALA B 120 -23.76 -17.07 -7.18
CA ALA B 120 -24.00 -15.91 -8.06
C ALA B 120 -23.04 -14.72 -7.75
N VAL B 121 -22.81 -14.45 -6.48
CA VAL B 121 -21.88 -13.38 -6.07
C VAL B 121 -20.47 -13.66 -6.58
N LEU B 122 -20.01 -14.90 -6.45
CA LEU B 122 -18.66 -15.26 -6.90
C LEU B 122 -18.52 -15.31 -8.42
N ALA B 123 -19.55 -15.71 -9.13
CA ALA B 123 -19.56 -15.64 -10.60
C ALA B 123 -19.40 -14.18 -11.06
N HIS B 124 -20.18 -13.26 -10.47
CA HIS B 124 -20.02 -11.83 -10.78
C HIS B 124 -18.61 -11.32 -10.45
N LEU B 125 -18.08 -11.70 -9.29
CA LEU B 125 -16.78 -11.18 -8.85
C LEU B 125 -15.67 -11.74 -9.69
N GLY B 126 -15.85 -12.95 -10.19
CA GLY B 126 -14.92 -13.51 -11.16
C GLY B 126 -14.81 -12.86 -12.53
N GLN B 127 -15.68 -11.92 -12.88
CA GLN B 127 -15.60 -11.26 -14.20
C GLN B 127 -14.86 -9.90 -14.09
N ALA B 128 -15.56 -8.78 -14.21
CA ALA B 128 -14.89 -7.47 -14.21
C ALA B 128 -14.13 -7.11 -12.91
N PRO B 129 -14.72 -7.36 -11.74
CA PRO B 129 -13.97 -7.09 -10.53
C PRO B 129 -12.61 -7.80 -10.48
N PHE B 130 -12.56 -9.04 -10.97
CA PHE B 130 -11.30 -9.79 -11.02
C PHE B 130 -10.29 -9.16 -12.00
N GLN B 131 -10.76 -8.86 -13.21
CA GLN B 131 -9.94 -8.18 -14.21
C GLN B 131 -9.38 -6.86 -13.65
N GLU B 132 -10.20 -6.12 -12.92
CA GLU B 132 -9.74 -4.87 -12.31
C GLU B 132 -8.66 -5.21 -11.29
N PHE B 133 -8.89 -6.24 -10.47
CA PHE B 133 -7.88 -6.70 -9.50
C PHE B 133 -6.51 -7.00 -10.10
N LEU B 134 -6.49 -7.63 -11.28
CA LEU B 134 -5.24 -7.99 -11.94
C LEU B 134 -4.49 -6.74 -12.44
N ASP B 135 -5.17 -5.61 -12.53
CA ASP B 135 -4.59 -4.34 -13.02
C ASP B 135 -4.37 -3.41 -11.82
N SER B 136 -4.25 -4.01 -10.62
CA SER B 136 -4.09 -3.26 -9.39
C SER B 136 -2.79 -3.60 -8.68
N LEU B 137 -2.44 -2.80 -7.69
CA LEU B 137 -1.27 -3.06 -6.89
C LEU B 137 -1.42 -4.34 -6.07
N TYR B 138 -2.65 -4.75 -5.79
CA TYR B 138 -2.90 -5.90 -4.91
C TYR B 138 -2.43 -7.19 -5.57
N PHE B 139 -2.62 -7.30 -6.88
CA PHE B 139 -2.17 -8.48 -7.60
C PHE B 139 -0.64 -8.60 -7.61
N LEU B 140 0.03 -7.47 -7.77
CA LEU B 140 1.50 -7.43 -7.69
C LEU B 140 1.99 -7.88 -6.31
N ARG B 141 1.25 -7.52 -5.28
CA ARG B 141 1.59 -7.92 -3.92
C ARG B 141 1.41 -9.42 -3.78
N PHE B 142 0.41 -9.96 -4.45
CA PHE B 142 0.23 -11.39 -4.48
C PHE B 142 1.41 -12.08 -5.13
N LEU B 143 1.90 -11.53 -6.22
CA LEU B 143 3.10 -12.10 -6.85
C LEU B 143 4.29 -12.05 -5.88
N GLN B 144 4.40 -10.98 -5.11
CA GLN B 144 5.52 -10.86 -4.20
C GLN B 144 5.44 -11.94 -3.12
N TRP B 145 4.24 -12.25 -2.67
CA TRP B 145 4.08 -13.32 -1.69
C TRP B 145 4.28 -14.67 -2.35
N LYS B 146 3.90 -14.82 -3.60
CA LYS B 146 4.15 -16.07 -4.26
C LYS B 146 5.65 -16.29 -4.44
N TRP B 147 6.40 -15.24 -4.70
CA TRP B 147 7.89 -15.34 -4.72
C TRP B 147 8.47 -15.79 -3.39
N LEU B 148 8.03 -15.17 -2.31
CA LEU B 148 8.51 -15.53 -0.98
C LEU B 148 8.17 -16.97 -0.68
N GLU B 149 6.97 -17.36 -1.04
CA GLU B 149 6.52 -18.74 -0.86
C GLU B 149 7.43 -19.79 -1.50
N ALA B 150 8.06 -19.45 -2.62
CA ALA B 150 8.92 -20.39 -3.33
C ALA B 150 10.39 -20.39 -2.89
N GLN B 151 10.78 -19.57 -1.91
CA GLN B 151 12.18 -19.54 -1.45
C GLN B 151 12.55 -20.76 -0.57
N PRO B 152 13.82 -21.20 -0.61
CA PRO B 152 14.21 -22.39 0.16
C PRO B 152 13.89 -22.26 1.65
N MET B 153 13.04 -23.15 2.15
CA MET B 153 12.72 -23.22 3.58
C MET B 153 12.85 -24.68 4.00
N GLY B 154 14.12 -25.12 4.13
CA GLY B 154 14.46 -26.49 4.47
C GLY B 154 14.75 -26.70 5.96
N GLU B 155 15.55 -27.72 6.28
CA GLU B 155 15.68 -28.22 7.66
C GLU B 155 16.02 -27.19 8.72
N ASP B 156 16.87 -26.21 8.38
CA ASP B 156 17.34 -25.20 9.34
C ASP B 156 16.25 -24.28 9.83
N TRP B 157 15.13 -24.25 9.11
CA TRP B 157 13.95 -23.49 9.50
C TRP B 157 13.07 -24.17 10.54
N PHE B 158 13.50 -25.34 11.04
CA PHE B 158 12.66 -26.14 11.93
C PHE B 158 13.37 -26.67 13.17
N LEU B 159 12.80 -26.35 14.32
CA LEU B 159 13.33 -26.76 15.59
C LEU B 159 12.53 -27.94 16.08
N ASP B 160 13.19 -29.09 16.26
CA ASP B 160 12.56 -30.29 16.78
C ASP B 160 12.53 -30.21 18.30
N PHE B 161 11.46 -30.68 18.91
CA PHE B 161 11.46 -30.76 20.38
C PHE B 161 10.81 -31.99 21.03
N ARG B 162 10.20 -32.90 20.26
CA ARG B 162 9.63 -34.09 20.89
C ARG B 162 9.26 -35.16 19.87
N VAL B 163 9.44 -36.42 20.22
CA VAL B 163 9.09 -37.54 19.35
C VAL B 163 7.62 -37.91 19.57
N LEU B 164 6.84 -37.96 18.49
CA LEU B 164 5.41 -38.26 18.61
C LEU B 164 5.08 -39.70 18.26
N GLY B 165 5.94 -40.31 17.44
CA GLY B 165 5.78 -41.70 17.02
C GLY B 165 7.06 -42.21 16.38
N ARG B 166 7.28 -43.53 16.52
CA ARG B 166 8.30 -44.26 15.77
C ARG B 166 7.61 -45.30 14.90
N GLY B 167 8.12 -45.48 13.69
CA GLY B 167 7.58 -46.47 12.76
C GLY B 167 8.71 -47.35 12.31
N GLY B 168 8.50 -47.99 11.16
CA GLY B 168 9.51 -48.84 10.58
C GLY B 168 10.52 -47.97 9.86
N PHE B 169 10.04 -47.07 9.02
CA PHE B 169 10.93 -46.28 8.16
C PHE B 169 11.46 -45.02 8.81
N GLY B 170 10.88 -44.63 9.92
CA GLY B 170 11.27 -43.38 10.54
C GLY B 170 10.46 -42.94 11.73
N GLU B 171 10.58 -41.66 12.05
CA GLU B 171 9.99 -41.11 13.27
C GLU B 171 9.22 -39.87 12.93
N VAL B 172 8.27 -39.52 13.80
CA VAL B 172 7.58 -38.26 13.70
C VAL B 172 7.98 -37.41 14.88
N PHE B 173 8.48 -36.21 14.60
CA PHE B 173 8.92 -35.24 15.62
C PHE B 173 7.89 -34.13 15.71
N ALA B 174 7.65 -33.63 16.91
CA ALA B 174 6.94 -32.37 17.06
C ALA B 174 7.96 -31.27 16.75
N CYS B 175 7.63 -30.34 15.87
CA CYS B 175 8.58 -29.25 15.58
C CYS B 175 7.93 -27.88 15.49
N GLN B 176 8.78 -26.88 15.34
CA GLN B 176 8.33 -25.49 15.36
C GLN B 176 9.00 -24.74 14.24
N MET B 177 8.19 -24.17 13.36
CA MET B 177 8.72 -23.30 12.32
C MET B 177 9.33 -22.09 13.02
N LYS B 178 10.64 -21.96 12.88
CA LYS B 178 11.37 -20.93 13.62
C LYS B 178 10.88 -19.53 13.38
N ALA B 179 10.53 -19.19 12.14
CA ALA B 179 10.22 -17.79 11.81
C ALA B 179 8.86 -17.38 12.32
N THR B 180 7.92 -18.31 12.33
CA THR B 180 6.56 -17.94 12.69
C THR B 180 6.15 -18.47 14.02
N GLY B 181 6.87 -19.49 14.49
CA GLY B 181 6.54 -20.13 15.74
C GLY B 181 5.47 -21.17 15.62
N LYS B 182 5.00 -21.43 14.40
CA LYS B 182 3.94 -22.39 14.24
C LYS B 182 4.42 -23.82 14.55
N LEU B 183 3.58 -24.60 15.25
CA LEU B 183 3.92 -26.00 15.57
C LEU B 183 3.45 -26.91 14.47
N TYR B 184 4.32 -27.84 14.06
CA TYR B 184 3.97 -28.88 13.12
C TYR B 184 4.45 -30.24 13.61
N ALA B 185 4.10 -31.28 12.85
CA ALA B 185 4.67 -32.62 13.01
C ALA B 185 5.59 -32.80 11.84
N CYS B 186 6.75 -33.40 12.07
CA CYS B 186 7.68 -33.67 10.95
C CYS B 186 8.01 -35.17 10.92
N LYS B 187 7.60 -35.82 9.83
CA LYS B 187 7.88 -37.24 9.59
C LYS B 187 9.18 -37.36 8.78
N LYS B 188 10.18 -37.98 9.39
CA LYS B 188 11.50 -38.15 8.79
C LYS B 188 11.69 -39.58 8.39
N LEU B 189 11.88 -39.81 7.10
CA LEU B 189 12.09 -41.18 6.60
C LEU B 189 13.56 -41.32 6.31
N ASN B 190 14.21 -42.31 6.92
CA ASN B 190 15.66 -42.48 6.76
C ASN B 190 15.96 -42.96 5.35
N LYS B 191 16.79 -42.18 4.64
CA LYS B 191 17.16 -42.46 3.26
C LYS B 191 17.65 -43.88 3.02
N LYS B 192 18.56 -44.33 3.88
CA LYS B 192 19.18 -45.65 3.66
C LYS B 192 18.21 -46.79 3.88
N ARG B 193 17.34 -46.68 4.90
CA ARG B 193 16.30 -47.69 5.14
C ARG B 193 15.33 -47.71 3.97
N LEU B 194 14.92 -46.53 3.50
CA LEU B 194 14.04 -46.43 2.33
C LEU B 194 14.59 -47.14 1.10
N LYS B 195 15.88 -46.97 0.83
CA LYS B 195 16.48 -47.63 -0.33
C LYS B 195 16.53 -49.14 -0.09
N LYS B 196 17.11 -49.54 1.04
CA LYS B 196 17.38 -50.95 1.34
C LYS B 196 16.11 -51.79 1.34
N ARG B 197 15.04 -51.23 1.92
CA ARG B 197 13.72 -51.87 1.99
C ARG B 197 12.78 -51.39 0.88
N LYS B 198 13.35 -50.70 -0.12
CA LYS B 198 12.61 -50.24 -1.32
C LYS B 198 11.26 -49.56 -1.03
N GLY B 199 11.33 -48.44 -0.32
CA GLY B 199 10.15 -47.67 0.06
C GLY B 199 9.99 -46.33 -0.64
N TYR B 200 10.69 -46.15 -1.75
CA TYR B 200 10.63 -44.91 -2.53
C TYR B 200 9.21 -44.60 -2.99
N GLN B 201 8.62 -45.54 -3.72
CA GLN B 201 7.25 -45.44 -4.25
C GLN B 201 6.32 -44.92 -3.17
N GLY B 202 6.26 -45.63 -2.06
CA GLY B 202 5.41 -45.24 -0.93
C GLY B 202 5.68 -43.85 -0.37
N ALA B 203 6.96 -43.47 -0.27
CA ALA B 203 7.30 -42.13 0.21
C ALA B 203 6.88 -41.09 -0.80
N MET B 204 7.15 -41.33 -2.09
CA MET B 204 6.80 -40.35 -3.11
C MET B 204 5.27 -40.18 -3.27
N VAL B 205 4.56 -41.30 -3.28
CA VAL B 205 3.11 -41.32 -3.44
C VAL B 205 2.50 -40.53 -2.29
N GLU B 206 2.91 -40.83 -1.07
CA GLU B 206 2.36 -40.12 0.07
C GLU B 206 2.61 -38.61 -0.12
N LYS B 207 3.82 -38.25 -0.53
CA LYS B 207 4.13 -36.83 -0.61
C LYS B 207 3.25 -36.15 -1.67
N LYS B 208 3.18 -36.72 -2.86
CA LYS B 208 2.35 -36.12 -3.90
C LYS B 208 0.86 -35.96 -3.51
N ILE B 209 0.32 -37.00 -2.89
CA ILE B 209 -1.06 -36.99 -2.51
C ILE B 209 -1.33 -35.98 -1.43
N LEU B 210 -0.51 -35.93 -0.40
CA LEU B 210 -0.76 -34.96 0.67
C LEU B 210 -0.64 -33.52 0.17
N ALA B 211 0.17 -33.33 -0.88
CA ALA B 211 0.38 -32.01 -1.46
C ALA B 211 -0.84 -31.55 -2.24
N LYS B 212 -1.57 -32.49 -2.84
CA LYS B 212 -2.70 -32.12 -3.69
C LYS B 212 -4.09 -32.30 -3.04
N VAL B 213 -4.12 -32.46 -1.72
CA VAL B 213 -5.35 -32.59 -0.95
C VAL B 213 -5.40 -31.51 0.15
N HIS B 214 -6.58 -30.99 0.44
N HIS B 214 -6.57 -30.94 0.36
CA HIS B 214 -6.72 -29.88 1.39
CA HIS B 214 -6.79 -29.92 1.37
C HIS B 214 -8.02 -29.98 2.21
C HIS B 214 -8.11 -30.23 2.04
N SER B 215 -8.03 -30.88 3.19
CA SER B 215 -9.22 -31.28 3.95
C SER B 215 -8.92 -31.16 5.42
N ARG B 216 -9.91 -30.71 6.19
CA ARG B 216 -9.72 -30.73 7.64
C ARG B 216 -9.69 -32.16 8.23
N PHE B 217 -9.92 -33.19 7.41
CA PHE B 217 -9.95 -34.56 7.92
C PHE B 217 -8.81 -35.41 7.37
N ILE B 218 -7.80 -34.76 6.82
CA ILE B 218 -6.60 -35.40 6.31
C ILE B 218 -5.39 -34.57 6.74
N VAL B 219 -4.35 -35.21 7.28
CA VAL B 219 -3.16 -34.45 7.64
C VAL B 219 -2.71 -33.59 6.44
N SER B 220 -2.46 -32.31 6.69
CA SER B 220 -2.02 -31.37 5.66
C SER B 220 -0.50 -31.32 5.59
N LEU B 221 0.03 -31.41 4.37
CA LEU B 221 1.46 -31.27 4.11
C LEU B 221 1.77 -29.82 3.89
N ALA B 222 2.80 -29.32 4.54
CA ALA B 222 3.17 -27.89 4.46
C ALA B 222 4.53 -27.67 3.79
N TYR B 223 5.49 -28.53 4.09
CA TYR B 223 6.81 -28.47 3.48
C TYR B 223 7.31 -29.89 3.26
N ALA B 224 8.04 -30.08 2.19
CA ALA B 224 8.73 -31.33 1.94
C ALA B 224 10.17 -31.01 1.58
N PHE B 225 11.13 -31.53 2.34
CA PHE B 225 12.54 -31.27 2.06
C PHE B 225 13.44 -32.46 2.41
N GLU B 226 14.70 -32.36 2.03
CA GLU B 226 15.67 -33.39 2.36
C GLU B 226 16.75 -32.83 3.27
N THR B 227 17.38 -33.75 4.01
CA THR B 227 18.60 -33.51 4.76
C THR B 227 19.58 -34.59 4.31
N LYS B 228 20.74 -34.67 4.94
CA LYS B 228 21.71 -35.71 4.60
C LYS B 228 21.16 -37.11 4.85
N THR B 229 20.42 -37.27 5.94
CA THR B 229 20.03 -38.60 6.36
C THR B 229 18.58 -38.91 6.05
N ASP B 230 17.76 -37.87 5.81
CA ASP B 230 16.31 -38.04 5.80
C ASP B 230 15.53 -37.37 4.66
N LEU B 231 14.37 -37.94 4.39
CA LEU B 231 13.36 -37.27 3.62
C LEU B 231 12.31 -36.82 4.62
N CYS B 232 11.99 -35.53 4.62
CA CYS B 232 11.13 -34.94 5.64
C CYS B 232 9.84 -34.36 5.08
N LEU B 233 8.75 -34.62 5.78
CA LEU B 233 7.45 -34.08 5.48
C LEU B 233 6.96 -33.33 6.69
N VAL B 234 6.80 -32.02 6.56
CA VAL B 234 6.31 -31.19 7.65
C VAL B 234 4.82 -31.07 7.53
N MET B 235 4.07 -31.44 8.56
CA MET B 235 2.62 -31.52 8.42
C MET B 235 1.83 -31.24 9.69
N THR B 236 0.52 -31.14 9.55
CA THR B 236 -0.37 -30.90 10.66
C THR B 236 0.10 -31.64 11.90
N ILE B 237 0.28 -30.92 13.01
CA ILE B 237 0.62 -31.63 14.21
C ILE B 237 -0.62 -32.32 14.78
N MET B 238 -0.51 -33.63 14.95
CA MET B 238 -1.54 -34.44 15.61
C MET B 238 -0.99 -35.00 16.94
N ASN B 239 -1.32 -34.32 18.02
CA ASN B 239 -0.75 -34.57 19.35
C ASN B 239 -1.45 -35.60 20.20
N GLY B 240 -2.66 -35.99 19.81
CA GLY B 240 -3.58 -36.72 20.68
C GLY B 240 -3.61 -38.24 20.58
N GLY B 241 -2.69 -38.83 19.81
CA GLY B 241 -2.57 -40.29 19.70
C GLY B 241 -3.52 -40.84 18.66
N ASP B 242 -3.35 -42.11 18.33
CA ASP B 242 -4.14 -42.72 17.30
C ASP B 242 -5.30 -43.48 17.93
N ILE B 243 -6.27 -43.82 17.12
CA ILE B 243 -7.50 -44.41 17.61
C ILE B 243 -7.27 -45.82 18.17
N ARG B 244 -6.35 -46.57 17.58
CA ARG B 244 -6.03 -47.86 18.19
C ARG B 244 -5.61 -47.66 19.61
N TYR B 245 -4.78 -46.65 19.85
CA TYR B 245 -4.33 -46.39 21.22
C TYR B 245 -5.50 -46.05 22.18
N HIS B 246 -6.51 -45.35 21.67
CA HIS B 246 -7.59 -44.88 22.52
C HIS B 246 -8.59 -46.00 22.78
N ILE B 247 -8.86 -46.82 21.77
CA ILE B 247 -9.64 -48.02 21.94
C ILE B 247 -9.10 -48.96 23.01
N TYR B 248 -7.79 -49.20 23.01
CA TYR B 248 -7.20 -50.30 23.80
C TYR B 248 -6.46 -49.91 25.06
N ASN B 249 -5.96 -48.69 25.15
CA ASN B 249 -5.07 -48.33 26.27
C ASN B 249 -5.55 -47.25 27.23
N VAL B 250 -6.61 -46.49 26.93
CA VAL B 250 -7.00 -45.38 27.81
C VAL B 250 -7.70 -45.84 29.11
N ASP B 251 -8.79 -46.57 28.98
CA ASP B 251 -9.46 -47.17 30.14
C ASP B 251 -9.41 -48.68 29.90
N GLU B 252 -8.30 -49.29 30.29
CA GLU B 252 -8.00 -50.70 29.96
C GLU B 252 -9.12 -51.69 30.29
N ASP B 253 -9.80 -51.49 31.42
CA ASP B 253 -10.93 -52.37 31.81
C ASP B 253 -12.17 -52.21 30.91
N ASN B 254 -12.31 -51.04 30.25
CA ASN B 254 -13.42 -50.74 29.33
C ASN B 254 -12.95 -50.37 27.93
N PRO B 255 -12.49 -51.37 27.17
CA PRO B 255 -11.98 -51.03 25.86
C PRO B 255 -13.10 -50.63 24.89
N GLY B 256 -12.75 -49.89 23.84
CA GLY B 256 -13.72 -49.45 22.85
C GLY B 256 -14.44 -48.19 23.30
N PHE B 257 -15.16 -47.59 22.37
CA PHE B 257 -15.83 -46.31 22.64
C PHE B 257 -17.32 -46.53 22.82
N GLN B 258 -17.94 -45.72 23.67
CA GLN B 258 -19.36 -45.53 23.60
C GLN B 258 -19.76 -45.13 22.17
N GLU B 259 -20.97 -45.51 21.80
CA GLU B 259 -21.40 -45.42 20.41
C GLU B 259 -21.35 -44.01 19.81
N PRO B 260 -21.85 -43.00 20.53
CA PRO B 260 -21.86 -41.65 19.93
C PRO B 260 -20.46 -41.17 19.62
N ARG B 261 -19.47 -41.64 20.39
CA ARG B 261 -18.08 -41.28 20.14
C ARG B 261 -17.57 -41.95 18.85
N ALA B 262 -17.86 -43.23 18.70
CA ALA B 262 -17.53 -43.96 17.49
C ALA B 262 -18.15 -43.37 16.23
N ILE B 263 -19.40 -42.91 16.35
CA ILE B 263 -20.10 -42.37 15.22
C ILE B 263 -19.47 -41.02 14.82
N PHE B 264 -19.09 -40.23 15.80
CA PHE B 264 -18.48 -38.93 15.53
C PHE B 264 -17.23 -39.17 14.67
N TYR B 265 -16.34 -40.05 15.13
CA TYR B 265 -15.12 -40.32 14.38
C TYR B 265 -15.42 -40.89 13.02
N THR B 266 -16.46 -41.72 12.91
CA THR B 266 -16.84 -42.33 11.63
C THR B 266 -17.24 -41.24 10.64
N ALA B 267 -18.02 -40.26 11.09
CA ALA B 267 -18.44 -39.14 10.26
C ALA B 267 -17.23 -38.34 9.73
N GLN B 268 -16.27 -38.09 10.61
CA GLN B 268 -15.07 -37.36 10.21
C GLN B 268 -14.27 -38.19 9.21
N ILE B 269 -14.16 -39.49 9.48
CA ILE B 269 -13.42 -40.39 8.58
C ILE B 269 -14.05 -40.39 7.19
N VAL B 270 -15.37 -40.54 7.17
CA VAL B 270 -16.17 -40.52 5.96
C VAL B 270 -15.90 -39.30 5.13
N SER B 271 -15.84 -38.15 5.78
CA SER B 271 -15.57 -36.90 5.10
C SER B 271 -14.19 -36.88 4.48
N GLY B 272 -13.21 -37.50 5.14
CA GLY B 272 -11.84 -37.58 4.59
C GLY B 272 -11.82 -38.45 3.34
N LEU B 273 -12.50 -39.59 3.45
CA LEU B 273 -12.60 -40.55 2.35
C LEU B 273 -13.26 -39.90 1.16
N GLU B 274 -14.33 -39.20 1.44
CA GLU B 274 -15.02 -38.52 0.38
C GLU B 274 -14.08 -37.58 -0.35
N HIS B 275 -13.27 -36.85 0.40
CA HIS B 275 -12.36 -35.88 -0.19
C HIS B 275 -11.35 -36.57 -1.12
N LEU B 276 -10.83 -37.72 -0.70
CA LEU B 276 -9.95 -38.52 -1.57
C LEU B 276 -10.70 -39.05 -2.80
N HIS B 277 -11.84 -39.68 -2.58
CA HIS B 277 -12.57 -40.32 -3.68
C HIS B 277 -13.04 -39.32 -4.72
N GLN B 278 -13.36 -38.11 -4.28
CA GLN B 278 -13.69 -37.05 -5.22
C GLN B 278 -12.47 -36.61 -6.04
N ARG B 279 -11.25 -36.85 -5.56
CA ARG B 279 -10.04 -36.58 -6.35
C ARG B 279 -9.47 -37.84 -6.98
N ASN B 280 -10.26 -38.91 -7.01
CA ASN B 280 -9.85 -40.16 -7.67
C ASN B 280 -8.71 -40.90 -6.96
N ILE B 281 -8.64 -40.77 -5.64
CA ILE B 281 -7.60 -41.42 -4.90
C ILE B 281 -8.24 -42.52 -4.08
N ILE B 282 -7.67 -43.72 -4.13
CA ILE B 282 -8.02 -44.79 -3.17
C ILE B 282 -6.98 -44.82 -2.06
N TYR B 283 -7.43 -44.86 -0.80
CA TYR B 283 -6.55 -44.75 0.37
C TYR B 283 -5.85 -46.07 0.57
N ARG B 284 -6.65 -47.13 0.70
CA ARG B 284 -6.17 -48.50 0.85
C ARG B 284 -5.50 -48.86 2.17
N ASP B 285 -5.47 -47.94 3.14
CA ASP B 285 -4.91 -48.26 4.45
C ASP B 285 -5.69 -47.63 5.61
N LEU B 286 -7.02 -47.58 5.47
CA LEU B 286 -7.82 -47.14 6.55
C LEU B 286 -7.81 -48.22 7.64
N LYS B 287 -7.47 -47.80 8.85
CA LYS B 287 -7.54 -48.62 10.04
C LYS B 287 -7.29 -47.69 11.24
N PRO B 288 -7.68 -48.14 12.45
CA PRO B 288 -7.57 -47.28 13.62
C PRO B 288 -6.19 -46.71 13.86
N GLU B 289 -5.16 -47.50 13.63
CA GLU B 289 -3.80 -47.00 13.83
C GLU B 289 -3.45 -45.84 12.91
N ASN B 290 -4.16 -45.65 11.79
CA ASN B 290 -3.84 -44.53 10.88
C ASN B 290 -4.73 -43.29 11.07
N VAL B 291 -5.64 -43.35 12.02
CA VAL B 291 -6.51 -42.21 12.29
C VAL B 291 -6.02 -41.56 13.57
N LEU B 292 -5.62 -40.30 13.49
CA LEU B 292 -4.99 -39.57 14.60
C LEU B 292 -5.90 -38.48 15.15
N LEU B 293 -5.77 -38.22 16.45
CA LEU B 293 -6.50 -37.14 17.15
C LEU B 293 -5.60 -35.92 17.29
N ASP B 294 -6.16 -34.73 17.12
CA ASP B 294 -5.45 -33.52 17.49
C ASP B 294 -5.79 -33.12 18.92
N ASP B 295 -5.28 -31.97 19.35
CA ASP B 295 -5.52 -31.40 20.69
C ASP B 295 -6.97 -31.21 21.09
N ASP B 296 -7.82 -30.90 20.13
CA ASP B 296 -9.22 -30.66 20.40
C ASP B 296 -10.01 -31.93 20.48
N GLY B 297 -9.43 -33.00 19.95
CA GLY B 297 -10.11 -34.29 19.86
C GLY B 297 -10.73 -34.54 18.51
N ASN B 298 -10.39 -33.75 17.50
CA ASN B 298 -10.81 -34.03 16.11
C ASN B 298 -9.75 -34.93 15.45
N VAL B 299 -10.22 -35.82 14.57
CA VAL B 299 -9.34 -36.78 13.92
C VAL B 299 -9.15 -36.51 12.43
N ARG B 300 -8.04 -37.04 11.94
CA ARG B 300 -7.66 -36.97 10.56
C ARG B 300 -7.06 -38.28 10.14
N ILE B 301 -7.26 -38.67 8.90
CA ILE B 301 -6.57 -39.83 8.39
C ILE B 301 -5.16 -39.46 8.02
N SER B 302 -4.26 -40.43 8.07
CA SER B 302 -2.85 -40.25 7.79
C SER B 302 -2.28 -41.51 7.15
N ASP B 303 -0.97 -41.44 6.85
CA ASP B 303 -0.25 -42.54 6.20
C ASP B 303 -0.87 -42.88 4.86
N LEU B 304 -0.61 -42.02 3.89
CA LEU B 304 -1.05 -42.19 2.53
C LEU B 304 -0.05 -42.93 1.65
N GLY B 305 0.84 -43.72 2.23
CA GLY B 305 1.90 -44.39 1.45
C GLY B 305 1.48 -45.61 0.65
N LEU B 306 0.28 -46.14 0.89
CA LEU B 306 -0.29 -47.23 0.11
C LEU B 306 -1.40 -46.74 -0.83
N ALA B 307 -1.62 -45.43 -0.88
CA ALA B 307 -2.66 -44.87 -1.71
C ALA B 307 -2.33 -44.94 -3.19
N VAL B 308 -3.37 -44.86 -4.01
CA VAL B 308 -3.25 -44.83 -5.44
C VAL B 308 -4.23 -43.82 -6.06
N GLU B 309 -3.70 -42.97 -6.94
CA GLU B 309 -4.50 -42.03 -7.68
C GLU B 309 -4.79 -42.64 -9.03
N LEU B 310 -6.07 -42.73 -9.37
CA LEU B 310 -6.48 -43.26 -10.67
C LEU B 310 -6.22 -42.22 -11.74
N LYS B 311 -5.76 -42.68 -12.89
CA LYS B 311 -5.53 -41.78 -14.01
C LYS B 311 -6.87 -41.31 -14.57
N ALA B 312 -6.86 -40.22 -15.31
CA ALA B 312 -8.08 -39.63 -15.81
C ALA B 312 -8.71 -40.61 -16.81
N GLY B 313 -9.95 -41.02 -16.53
CA GLY B 313 -10.65 -42.01 -17.38
C GLY B 313 -10.74 -43.37 -16.70
N GLN B 314 -9.63 -43.77 -16.07
CA GLN B 314 -9.51 -45.03 -15.35
C GLN B 314 -10.39 -45.00 -14.12
N THR B 315 -11.18 -46.04 -13.93
CA THR B 315 -12.11 -46.12 -12.79
C THR B 315 -11.82 -47.26 -11.82
N LYS B 316 -10.88 -48.14 -12.16
CA LYS B 316 -10.52 -49.24 -11.29
C LYS B 316 -9.02 -49.49 -11.35
N THR B 317 -8.53 -50.23 -10.37
CA THR B 317 -7.11 -50.57 -10.36
C THR B 317 -6.95 -51.98 -9.80
N LYS B 318 -5.71 -52.46 -9.79
CA LYS B 318 -5.37 -53.73 -9.21
C LYS B 318 -4.13 -53.56 -8.34
N GLY B 319 -3.82 -54.59 -7.57
CA GLY B 319 -2.64 -54.56 -6.73
C GLY B 319 -2.98 -54.99 -5.32
N TYR B 320 -2.26 -55.99 -4.83
CA TYR B 320 -2.34 -56.43 -3.44
C TYR B 320 -1.62 -55.46 -2.50
N ALA B 321 -2.36 -54.78 -1.64
CA ALA B 321 -1.77 -53.90 -0.66
C ALA B 321 -2.76 -53.65 0.46
N GLY B 322 -2.24 -53.57 1.67
CA GLY B 322 -3.05 -53.15 2.78
C GLY B 322 -2.67 -53.96 3.97
N THR B 323 -3.58 -53.98 4.95
CA THR B 323 -3.35 -54.64 6.21
C THR B 323 -4.34 -55.80 6.34
N PRO B 324 -3.85 -57.00 6.63
CA PRO B 324 -4.71 -58.16 6.80
C PRO B 324 -5.80 -57.87 7.82
N GLY B 325 -7.03 -58.20 7.45
CA GLY B 325 -8.22 -57.89 8.26
C GLY B 325 -8.97 -56.70 7.69
N PHE B 326 -8.25 -55.73 7.11
CA PHE B 326 -8.88 -54.54 6.53
C PHE B 326 -9.05 -54.61 5.02
N MET B 327 -8.45 -55.60 4.37
CA MET B 327 -8.52 -55.68 2.92
C MET B 327 -9.81 -56.34 2.45
N ALA B 328 -10.47 -55.76 1.46
CA ALA B 328 -11.77 -56.25 1.01
C ALA B 328 -11.66 -57.50 0.13
N PRO B 329 -12.75 -58.27 0.03
CA PRO B 329 -12.73 -59.49 -0.74
C PRO B 329 -12.28 -59.32 -2.19
N GLU B 330 -12.78 -58.32 -2.89
CA GLU B 330 -12.33 -58.09 -4.27
C GLU B 330 -10.80 -57.97 -4.38
N LEU B 331 -10.19 -57.35 -3.38
CA LEU B 331 -8.74 -57.19 -3.35
C LEU B 331 -8.08 -58.54 -3.06
N LEU B 332 -8.53 -59.19 -2.00
CA LEU B 332 -8.07 -60.52 -1.68
C LEU B 332 -8.16 -61.52 -2.84
N LEU B 333 -9.17 -61.35 -3.68
CA LEU B 333 -9.39 -62.23 -4.82
C LEU B 333 -8.60 -61.82 -6.08
N GLY B 334 -7.77 -60.78 -5.98
CA GLY B 334 -6.95 -60.34 -7.10
C GLY B 334 -7.70 -59.66 -8.24
N GLU B 335 -8.84 -59.09 -7.94
CA GLU B 335 -9.62 -58.41 -8.94
C GLU B 335 -9.39 -56.90 -8.99
N GLU B 336 -9.86 -56.29 -10.08
CA GLU B 336 -10.00 -54.84 -10.18
C GLU B 336 -10.94 -54.31 -9.13
N TYR B 337 -10.59 -53.16 -8.57
CA TYR B 337 -11.40 -52.52 -7.55
C TYR B 337 -11.30 -50.99 -7.64
N ASP B 338 -12.20 -50.33 -6.92
CA ASP B 338 -12.24 -48.89 -6.84
C ASP B 338 -12.33 -48.45 -5.36
N PHE B 339 -12.90 -47.27 -5.12
CA PHE B 339 -13.09 -46.68 -3.78
C PHE B 339 -13.80 -47.61 -2.81
N SER B 340 -14.49 -48.60 -3.35
CA SER B 340 -15.25 -49.54 -2.54
C SER B 340 -14.40 -50.20 -1.47
N VAL B 341 -13.12 -50.47 -1.76
CA VAL B 341 -12.24 -51.09 -0.74
C VAL B 341 -12.14 -50.25 0.51
N ASP B 342 -12.13 -48.93 0.37
CA ASP B 342 -12.00 -48.06 1.54
C ASP B 342 -13.19 -48.17 2.50
N TYR B 343 -14.37 -48.47 1.96
CA TYR B 343 -15.59 -48.52 2.73
C TYR B 343 -15.67 -49.80 3.49
N PHE B 344 -15.19 -50.87 2.90
CA PHE B 344 -15.08 -52.11 3.64
C PHE B 344 -14.22 -51.82 4.88
N ALA B 345 -13.09 -51.15 4.68
CA ALA B 345 -12.19 -50.86 5.80
C ALA B 345 -12.79 -49.95 6.87
N LEU B 346 -13.67 -49.05 6.44
CA LEU B 346 -14.43 -48.22 7.36
C LEU B 346 -15.30 -49.12 8.24
N GLY B 347 -15.94 -50.13 7.65
CA GLY B 347 -16.76 -51.03 8.44
C GLY B 347 -15.95 -51.77 9.49
N VAL B 348 -14.76 -52.21 9.11
CA VAL B 348 -13.92 -52.94 10.03
C VAL B 348 -13.49 -52.02 11.17
N THR B 349 -13.10 -50.81 10.81
CA THR B 349 -12.66 -49.78 11.75
C THR B 349 -13.77 -49.45 12.76
N LEU B 350 -14.96 -49.18 12.25
CA LEU B 350 -16.08 -48.91 13.14
C LEU B 350 -16.38 -50.10 14.05
N TYR B 351 -16.41 -51.30 13.48
CA TYR B 351 -16.71 -52.50 14.26
C TYR B 351 -15.75 -52.56 15.42
N GLU B 352 -14.48 -52.31 15.13
CA GLU B 352 -13.45 -52.41 16.13
C GLU B 352 -13.56 -51.32 17.16
N MET B 353 -14.07 -50.14 16.78
CA MET B 353 -14.22 -49.03 17.75
C MET B 353 -15.26 -49.36 18.81
N ILE B 354 -16.28 -50.11 18.41
CA ILE B 354 -17.34 -50.47 19.33
C ILE B 354 -16.96 -51.75 20.07
N ALA B 355 -16.37 -52.69 19.35
CA ALA B 355 -16.25 -54.05 19.92
C ALA B 355 -14.93 -54.25 20.64
N ALA B 356 -13.96 -53.39 20.40
CA ALA B 356 -12.59 -53.61 20.85
C ALA B 356 -12.04 -54.96 20.40
N ARG B 357 -12.39 -55.36 19.18
CA ARG B 357 -11.75 -56.48 18.47
C ARG B 357 -12.24 -56.41 17.05
N GLY B 358 -11.55 -57.12 16.17
CA GLY B 358 -11.91 -57.14 14.78
C GLY B 358 -13.14 -58.00 14.58
N PRO B 359 -13.81 -57.83 13.44
CA PRO B 359 -14.96 -58.66 13.12
C PRO B 359 -14.62 -60.10 12.73
N PHE B 360 -13.34 -60.42 12.48
CA PHE B 360 -12.96 -61.72 11.94
C PHE B 360 -12.06 -62.56 12.82
N ARG B 361 -11.62 -62.02 13.95
CA ARG B 361 -10.82 -62.78 14.89
C ARG B 361 -11.33 -62.55 16.26
N ALA B 362 -11.21 -63.56 17.10
CA ALA B 362 -11.44 -63.38 18.52
C ALA B 362 -10.35 -62.54 19.19
N ARG B 363 -10.63 -62.19 20.44
CA ARG B 363 -9.75 -61.38 21.25
C ARG B 363 -8.36 -62.00 21.40
N GLY B 364 -7.37 -61.34 20.83
CA GLY B 364 -5.98 -61.77 20.97
C GLY B 364 -5.63 -62.91 20.07
N GLU B 365 -6.38 -63.07 18.98
CA GLU B 365 -6.30 -64.24 18.14
C GLU B 365 -5.45 -63.96 16.93
N LYS B 366 -4.40 -64.76 16.76
CA LYS B 366 -3.48 -64.67 15.65
C LYS B 366 -3.69 -65.88 14.76
N VAL B 367 -3.89 -65.60 13.48
CA VAL B 367 -4.17 -66.67 12.52
C VAL B 367 -3.27 -66.61 11.29
N GLU B 368 -3.07 -67.76 10.65
CA GLU B 368 -2.45 -67.81 9.33
C GLU B 368 -3.17 -66.86 8.39
N ASN B 369 -2.43 -66.22 7.47
CA ASN B 369 -3.06 -65.35 6.48
C ASN B 369 -4.18 -66.06 5.71
N LYS B 370 -3.95 -67.30 5.30
CA LYS B 370 -4.97 -68.04 4.58
C LYS B 370 -6.24 -68.35 5.40
N GLU B 371 -6.10 -68.63 6.69
CA GLU B 371 -7.26 -68.79 7.56
C GLU B 371 -8.02 -67.45 7.64
N LEU B 372 -7.32 -66.33 7.58
CA LEU B 372 -7.97 -65.02 7.69
C LEU B 372 -8.65 -64.57 6.40
N LYS B 373 -7.93 -64.78 5.30
CA LYS B 373 -8.47 -64.67 3.95
C LYS B 373 -9.76 -65.49 3.81
N GLN B 374 -9.70 -66.75 4.20
CA GLN B 374 -10.86 -67.64 4.15
C GLN B 374 -12.07 -67.04 4.91
N ARG B 375 -11.80 -66.45 6.07
CA ARG B 375 -12.84 -65.81 6.87
C ARG B 375 -13.40 -64.54 6.22
N VAL B 376 -12.52 -63.68 5.73
CA VAL B 376 -12.97 -62.44 5.13
C VAL B 376 -13.80 -62.72 3.87
N LEU B 377 -13.43 -63.75 3.10
CA LEU B 377 -14.12 -64.06 1.86
C LEU B 377 -15.43 -64.79 2.08
N GLU B 378 -15.51 -65.64 3.12
CA GLU B 378 -16.59 -66.61 3.23
C GLU B 378 -17.46 -66.51 4.47
N GLN B 379 -16.99 -65.86 5.53
CA GLN B 379 -17.73 -65.87 6.80
C GLN B 379 -18.51 -64.61 7.00
N ALA B 380 -19.72 -64.76 7.49
CA ALA B 380 -20.57 -63.65 7.88
C ALA B 380 -20.13 -63.16 9.25
N VAL B 381 -20.14 -61.85 9.41
CA VAL B 381 -19.77 -61.20 10.65
C VAL B 381 -20.97 -61.24 11.59
N THR B 382 -20.72 -61.54 12.86
CA THR B 382 -21.75 -61.45 13.90
C THR B 382 -21.52 -60.21 14.75
N TYR B 383 -22.59 -59.77 15.42
CA TYR B 383 -22.59 -58.51 16.16
C TYR B 383 -22.98 -58.74 17.62
N PRO B 384 -22.07 -58.43 18.56
CA PRO B 384 -22.46 -58.55 19.96
C PRO B 384 -23.54 -57.52 20.38
N ASP B 385 -24.07 -57.65 21.60
CA ASP B 385 -25.14 -56.76 22.08
C ASP B 385 -24.75 -55.27 22.14
N LYS B 386 -23.45 -54.96 22.20
CA LYS B 386 -22.93 -53.57 22.20
C LYS B 386 -23.33 -52.73 21.00
N PHE B 387 -23.76 -53.39 19.92
CA PHE B 387 -24.15 -52.71 18.70
C PHE B 387 -25.65 -52.42 18.72
N SER B 388 -26.01 -51.16 18.54
CA SER B 388 -27.38 -50.79 18.31
C SER B 388 -27.79 -51.32 16.94
N PRO B 389 -29.09 -51.37 16.65
CA PRO B 389 -29.53 -51.82 15.32
C PRO B 389 -28.95 -50.98 14.17
N ALA B 390 -28.84 -49.67 14.40
CA ALA B 390 -28.32 -48.77 13.38
C ALA B 390 -26.84 -49.06 13.06
N SER B 391 -26.01 -49.20 14.07
CA SER B 391 -24.59 -49.44 13.88
C SER B 391 -24.29 -50.82 13.26
N LYS B 392 -25.12 -51.80 13.60
CA LYS B 392 -25.03 -53.13 13.01
C LYS B 392 -25.42 -53.04 11.55
N ASP B 393 -26.55 -52.41 11.31
CA ASP B 393 -27.06 -52.23 9.95
C ASP B 393 -26.04 -51.53 9.06
N PHE B 394 -25.38 -50.50 9.61
CA PHE B 394 -24.36 -49.71 8.89
C PHE B 394 -23.09 -50.52 8.59
N CYS B 395 -22.60 -51.23 9.60
CA CYS B 395 -21.50 -52.18 9.43
C CYS B 395 -21.81 -53.26 8.40
N GLU B 396 -22.99 -53.87 8.50
CA GLU B 396 -23.45 -54.84 7.50
C GLU B 396 -23.38 -54.26 6.10
N ALA B 397 -23.84 -53.03 5.94
CA ALA B 397 -23.87 -52.42 4.62
C ALA B 397 -22.43 -52.13 4.14
N LEU B 398 -21.52 -51.84 5.05
CA LEU B 398 -20.15 -51.56 4.64
C LEU B 398 -19.35 -52.85 4.43
N LEU B 399 -19.74 -53.93 5.11
CA LEU B 399 -18.98 -55.19 5.05
C LEU B 399 -19.52 -56.21 4.05
N GLN B 400 -20.50 -55.81 3.25
CA GLN B 400 -20.94 -56.65 2.13
C GLN B 400 -19.75 -57.12 1.36
N LYS B 401 -19.70 -58.40 1.06
CA LYS B 401 -18.54 -58.95 0.38
C LYS B 401 -18.50 -58.56 -1.10
N ASP B 402 -19.67 -58.31 -1.70
CA ASP B 402 -19.74 -57.91 -3.11
C ASP B 402 -19.76 -56.40 -3.19
N PRO B 403 -18.70 -55.81 -3.75
CA PRO B 403 -18.58 -54.36 -3.85
C PRO B 403 -19.74 -53.63 -4.53
N GLU B 404 -20.53 -54.32 -5.34
CA GLU B 404 -21.71 -53.71 -6.00
C GLU B 404 -22.86 -53.50 -5.03
N LYS B 405 -22.85 -54.22 -3.92
CA LYS B 405 -23.89 -54.10 -2.92
C LYS B 405 -23.40 -53.34 -1.71
N ARG B 406 -22.14 -52.91 -1.73
CA ARG B 406 -21.56 -52.26 -0.58
C ARG B 406 -21.95 -50.79 -0.61
N LEU B 407 -22.24 -50.26 0.57
CA LEU B 407 -22.50 -48.84 0.73
C LEU B 407 -21.18 -48.12 0.48
N GLY B 408 -21.22 -47.00 -0.22
CA GLY B 408 -20.00 -46.25 -0.45
C GLY B 408 -20.14 -44.91 -1.14
N PHE B 409 -19.49 -44.78 -2.28
CA PHE B 409 -19.38 -43.50 -2.99
C PHE B 409 -20.16 -43.65 -4.27
N ARG B 410 -21.15 -42.77 -4.47
CA ARG B 410 -22.03 -42.74 -5.66
C ARG B 410 -22.32 -41.29 -6.06
N ASP B 411 -22.49 -41.03 -7.35
CA ASP B 411 -22.81 -39.68 -7.84
C ASP B 411 -21.89 -38.62 -7.30
N GLY B 412 -20.59 -38.93 -7.22
CA GLY B 412 -19.59 -37.96 -6.81
C GLY B 412 -19.55 -37.64 -5.32
N SER B 413 -20.28 -38.39 -4.49
CA SER B 413 -20.32 -38.06 -3.06
C SER B 413 -20.68 -39.22 -2.11
N CYS B 414 -20.62 -38.94 -0.82
CA CYS B 414 -21.07 -39.87 0.20
C CYS B 414 -22.35 -39.33 0.83
N ASP B 415 -23.07 -38.49 0.09
CA ASP B 415 -24.36 -37.99 0.59
C ASP B 415 -25.31 -39.15 0.91
N GLY B 416 -25.42 -40.13 0.02
CA GLY B 416 -26.25 -41.31 0.26
C GLY B 416 -25.92 -42.01 1.58
N LEU B 417 -24.65 -42.08 1.89
CA LEU B 417 -24.18 -42.67 3.13
C LEU B 417 -24.43 -41.78 4.37
N ARG B 418 -24.29 -40.46 4.23
CA ARG B 418 -24.55 -39.49 5.31
C ARG B 418 -25.98 -39.55 5.80
N THR B 419 -26.84 -40.07 4.92
CA THR B 419 -28.28 -40.31 5.12
C THR B 419 -28.64 -41.52 5.97
N HIS B 420 -27.70 -42.44 6.17
CA HIS B 420 -27.99 -43.63 6.95
C HIS B 420 -28.41 -43.20 8.37
N PRO B 421 -29.41 -43.86 8.98
CA PRO B 421 -29.85 -43.49 10.33
C PRO B 421 -28.77 -43.52 11.44
N LEU B 422 -27.66 -44.23 11.25
CA LEU B 422 -26.55 -44.13 12.19
C LEU B 422 -26.23 -42.68 12.53
N PHE B 423 -26.31 -41.80 11.53
CA PHE B 423 -25.90 -40.42 11.63
C PHE B 423 -27.04 -39.42 11.91
N ARG B 424 -28.21 -39.89 12.31
CA ARG B 424 -29.33 -38.95 12.59
C ARG B 424 -29.02 -37.80 13.58
N ASP B 425 -28.08 -37.98 14.50
CA ASP B 425 -27.73 -36.91 15.45
C ASP B 425 -26.48 -36.11 15.06
N ILE B 426 -25.84 -36.44 13.94
CA ILE B 426 -24.76 -35.62 13.40
C ILE B 426 -25.36 -34.45 12.60
N SER B 427 -24.96 -33.21 12.92
CA SER B 427 -25.24 -32.06 12.03
C SER B 427 -24.07 -31.96 11.06
N TRP B 428 -24.31 -32.29 9.80
CA TRP B 428 -23.20 -32.40 8.83
C TRP B 428 -22.51 -31.07 8.62
N ARG B 429 -23.28 -30.01 8.60
CA ARG B 429 -22.72 -28.67 8.39
C ARG B 429 -21.63 -28.34 9.41
N GLN B 430 -21.96 -28.54 10.67
CA GLN B 430 -21.07 -28.18 11.76
C GLN B 430 -19.90 -29.14 11.80
N LEU B 431 -20.15 -30.42 11.55
CA LEU B 431 -19.06 -31.37 11.38
C LEU B 431 -18.11 -30.92 10.25
N GLU B 432 -18.63 -30.73 9.04
CA GLU B 432 -17.78 -30.41 7.89
C GLU B 432 -16.95 -29.16 8.21
N ALA B 433 -17.51 -28.25 9.00
CA ALA B 433 -16.85 -26.98 9.36
C ALA B 433 -15.96 -27.07 10.60
N GLY B 434 -15.96 -28.20 11.30
CA GLY B 434 -15.15 -28.34 12.50
C GLY B 434 -15.68 -27.58 13.71
N MET B 435 -16.99 -27.38 13.78
CA MET B 435 -17.58 -26.64 14.87
C MET B 435 -18.06 -27.51 16.02
N LEU B 436 -18.35 -28.78 15.74
CA LEU B 436 -18.89 -29.68 16.73
C LEU B 436 -17.89 -29.96 17.85
N THR B 437 -18.35 -29.86 19.09
CA THR B 437 -17.52 -30.16 20.26
C THR B 437 -17.24 -31.66 20.26
N PRO B 438 -15.96 -32.06 20.08
CA PRO B 438 -15.68 -33.48 20.07
C PRO B 438 -15.97 -34.17 21.41
N PRO B 439 -16.32 -35.45 21.35
CA PRO B 439 -16.74 -36.23 22.52
C PRO B 439 -15.62 -36.57 23.52
N PHE B 440 -14.38 -36.59 23.05
CA PHE B 440 -13.22 -36.81 23.91
C PHE B 440 -12.15 -35.75 23.61
N VAL B 441 -11.71 -35.04 24.65
CA VAL B 441 -10.71 -33.99 24.52
C VAL B 441 -9.41 -34.46 25.15
N PRO B 442 -8.39 -34.77 24.32
CA PRO B 442 -7.13 -35.31 24.87
C PRO B 442 -6.35 -34.32 25.75
N ASP B 443 -5.68 -34.85 26.77
CA ASP B 443 -4.84 -34.05 27.65
C ASP B 443 -3.42 -33.86 27.09
N SER B 444 -2.86 -32.67 27.28
CA SER B 444 -1.45 -32.43 26.93
C SER B 444 -0.53 -33.25 27.85
N ARG B 445 -0.74 -33.10 29.16
CA ARG B 445 0.03 -33.81 30.18
C ARG B 445 0.14 -35.34 29.93
N THR B 446 -0.72 -35.88 29.06
CA THR B 446 -0.69 -37.30 28.70
C THR B 446 0.05 -37.54 27.37
N VAL B 447 0.89 -38.57 27.38
CA VAL B 447 1.79 -38.90 26.28
C VAL B 447 1.14 -40.00 25.45
N TYR B 448 -0.07 -39.76 24.94
CA TYR B 448 -0.85 -40.76 24.18
C TYR B 448 -0.05 -41.37 23.01
N ALA B 449 0.84 -42.32 23.31
CA ALA B 449 1.76 -42.89 22.32
C ALA B 449 1.76 -44.42 22.32
N THR B 460 20.86 -51.25 12.85
CA THR B 460 21.22 -50.14 11.96
C THR B 460 21.80 -50.61 10.60
N VAL B 461 21.53 -49.83 9.55
CA VAL B 461 21.64 -50.28 8.16
C VAL B 461 23.05 -50.06 7.58
N LYS B 462 23.61 -51.08 6.96
CA LYS B 462 24.99 -51.02 6.47
C LYS B 462 25.03 -51.23 4.97
N GLY B 463 26.17 -50.93 4.36
CA GLY B 463 26.42 -51.21 2.95
C GLY B 463 25.59 -50.46 1.91
N VAL B 464 24.81 -49.45 2.33
CA VAL B 464 23.99 -48.68 1.40
C VAL B 464 24.80 -47.52 0.84
N ALA B 465 24.90 -47.46 -0.50
CA ALA B 465 25.63 -46.39 -1.20
C ALA B 465 24.73 -45.76 -2.28
N PHE B 466 24.67 -44.43 -2.31
CA PHE B 466 23.77 -43.71 -3.20
C PHE B 466 24.36 -43.36 -4.58
N GLU B 467 23.50 -43.28 -5.59
CA GLU B 467 23.89 -42.92 -6.96
C GLU B 467 23.06 -41.73 -7.47
N LYS B 468 23.35 -41.29 -8.71
CA LYS B 468 22.56 -40.28 -9.39
C LYS B 468 21.06 -40.53 -9.19
N ALA B 469 20.61 -41.73 -9.56
CA ALA B 469 19.18 -42.08 -9.53
C ALA B 469 18.56 -41.84 -8.15
N ASP B 470 19.34 -42.10 -7.10
CA ASP B 470 18.91 -41.87 -5.73
C ASP B 470 18.84 -40.41 -5.38
N THR B 471 19.92 -39.66 -5.61
CA THR B 471 19.91 -38.25 -5.23
C THR B 471 18.90 -37.49 -6.08
N GLU B 472 18.69 -37.92 -7.31
CA GLU B 472 17.68 -37.33 -8.19
C GLU B 472 16.28 -37.62 -7.67
N PHE B 473 16.05 -38.84 -7.23
CA PHE B 473 14.75 -39.16 -6.63
C PHE B 473 14.53 -38.27 -5.41
N PHE B 474 15.56 -38.19 -4.56
CA PHE B 474 15.52 -37.33 -3.39
C PHE B 474 15.16 -35.88 -3.70
N GLN B 475 15.76 -35.31 -4.76
CA GLN B 475 15.50 -33.93 -5.20
C GLN B 475 14.09 -33.72 -5.72
N GLU B 476 13.57 -34.66 -6.50
CA GLU B 476 12.16 -34.63 -6.87
C GLU B 476 11.25 -34.59 -5.61
N PHE B 477 11.52 -35.48 -4.66
CA PHE B 477 10.76 -35.56 -3.44
C PHE B 477 10.74 -34.22 -2.68
N ALA B 478 11.89 -33.53 -2.63
CA ALA B 478 11.97 -32.25 -1.93
C ALA B 478 11.45 -31.13 -2.82
N SER B 479 10.14 -31.11 -3.00
CA SER B 479 9.49 -30.12 -3.87
C SER B 479 9.34 -28.76 -3.18
N GLY B 480 9.60 -28.73 -1.87
CA GLY B 480 9.57 -27.50 -1.05
C GLY B 480 8.23 -27.21 -0.37
N THR B 481 7.70 -26.02 -0.62
CA THR B 481 6.56 -25.49 0.09
C THR B 481 5.25 -25.68 -0.69
N CYS B 482 4.21 -26.11 0.02
CA CYS B 482 2.86 -26.18 -0.52
C CYS B 482 2.10 -24.86 -0.32
N PRO B 483 1.60 -24.25 -1.40
CA PRO B 483 0.97 -22.93 -1.31
C PRO B 483 -0.13 -22.70 -0.27
N ILE B 484 -1.21 -23.48 -0.29
CA ILE B 484 -2.31 -23.16 0.63
C ILE B 484 -1.86 -23.26 2.11
N PRO B 485 -1.19 -24.35 2.49
CA PRO B 485 -0.83 -24.39 3.92
C PRO B 485 0.20 -23.34 4.32
N TRP B 486 1.08 -22.96 3.42
CA TRP B 486 2.03 -21.91 3.71
C TRP B 486 1.31 -20.59 3.93
N GLN B 487 0.46 -20.22 2.99
CA GLN B 487 -0.32 -19.01 3.11
C GLN B 487 -1.15 -18.95 4.40
N GLU B 488 -1.77 -20.06 4.78
CA GLU B 488 -2.53 -20.14 6.02
C GLU B 488 -1.62 -19.85 7.19
N GLU B 489 -0.42 -20.42 7.16
CA GLU B 489 0.53 -20.24 8.25
C GLU B 489 0.86 -18.75 8.39
N MET B 490 1.14 -18.08 7.27
CA MET B 490 1.50 -16.67 7.28
C MET B 490 0.39 -15.80 7.86
N ILE B 491 -0.88 -16.11 7.54
CA ILE B 491 -1.99 -15.36 8.08
C ILE B 491 -2.19 -15.66 9.55
N GLU B 492 -2.40 -16.94 9.86
CA GLU B 492 -2.63 -17.41 11.22
C GLU B 492 -1.65 -16.82 12.23
N THR B 493 -0.38 -16.79 11.88
CA THR B 493 0.65 -16.38 12.83
C THR B 493 0.94 -14.86 12.78
N GLY B 494 0.21 -14.12 11.96
CA GLY B 494 0.31 -12.66 11.94
C GLY B 494 1.43 -12.12 11.08
N VAL B 495 2.22 -13.00 10.46
CA VAL B 495 3.32 -12.55 9.62
C VAL B 495 2.77 -11.77 8.44
N PHE B 496 1.70 -12.28 7.84
CA PHE B 496 1.11 -11.59 6.70
C PHE B 496 0.62 -10.18 7.07
N GLY B 497 0.00 -10.03 8.22
CA GLY B 497 -0.50 -8.76 8.70
C GLY B 497 0.61 -7.76 8.91
N ASP B 498 1.69 -8.20 9.56
CA ASP B 498 2.88 -7.39 9.78
C ASP B 498 3.49 -6.90 8.48
N LEU B 499 3.47 -7.72 7.41
CA LEU B 499 4.11 -7.31 6.13
C LEU B 499 3.10 -6.88 5.08
N ASN B 500 1.98 -6.37 5.53
CA ASN B 500 0.92 -5.90 4.63
C ASN B 500 0.46 -4.53 5.12
N VAL B 501 1.38 -3.74 5.66
CA VAL B 501 1.08 -2.39 6.10
C VAL B 501 1.57 -1.42 5.01
N TRP B 502 0.86 -0.30 4.84
CA TRP B 502 1.21 0.66 3.81
C TRP B 502 1.75 1.89 4.46
N ARG B 503 1.02 2.46 5.44
CA ARG B 503 1.49 3.63 6.19
C ARG B 503 1.31 3.51 7.71
N PRO B 504 2.31 2.93 8.41
CA PRO B 504 2.34 3.07 9.88
C PRO B 504 2.48 4.52 10.31
#